data_3JVO
#
_entry.id   3JVO
#
_cell.length_a   196.751
_cell.length_b   200.211
_cell.length_c   51.169
_cell.angle_alpha   90.000
_cell.angle_beta   90.000
_cell.angle_gamma   90.000
#
_symmetry.space_group_name_H-M   'P 21 21 2'
#
loop_
_entity.id
_entity.type
_entity.pdbx_description
1 polymer Gp6
2 non-polymer (4S)-2-METHYL-2,4-PENTANEDIOL
3 non-polymer 'CHLORIDE ION'
4 water water
#
_entity_poly.entity_id   1
_entity_poly.type   'polypeptide(L)'
_entity_poly.pdbx_seq_one_letter_code
;(MSE)AIDVLDVISLSLFKQQIEFEEDDRDELITLYAQAAFDYC(MSE)RWCDEPAWKVAADIPAAVKGAVLLVFAD
(MSE)FEHRTAQSEVQLYENAAAER(MSE)(MSE)FIHRNWRGKAESEEGS
;
_entity_poly.pdbx_strand_id   A,B,C,D,E,F,G,H,I,J,K,L,M
#
# COMPACT_ATOMS: atom_id res chain seq x y z
N ALA A 2 -3.86 51.68 20.02
CA ALA A 2 -3.94 50.22 19.79
C ALA A 2 -4.94 49.61 20.78
N ILE A 3 -5.61 48.55 20.33
CA ILE A 3 -6.67 47.90 21.10
C ILE A 3 -6.05 46.82 21.98
N ASP A 4 -6.45 46.76 23.25
CA ASP A 4 -6.03 45.69 24.15
C ASP A 4 -6.93 44.48 23.92
N VAL A 5 -6.34 43.35 23.53
CA VAL A 5 -7.09 42.12 23.24
C VAL A 5 -7.99 41.66 24.40
N LEU A 6 -7.56 41.91 25.63
CA LEU A 6 -8.37 41.54 26.78
C LEU A 6 -9.66 42.39 26.96
N ASP A 7 -9.75 43.54 26.27
CA ASP A 7 -10.99 44.33 26.21
C ASP A 7 -11.99 43.75 25.19
N VAL A 8 -11.50 42.88 24.31
CA VAL A 8 -12.29 42.28 23.23
C VAL A 8 -12.81 40.91 23.66
N ILE A 9 -11.91 40.13 24.25
CA ILE A 9 -12.21 38.79 24.74
C ILE A 9 -11.46 38.69 26.06
N SER A 10 -12.18 38.41 27.15
CA SER A 10 -11.54 38.44 28.47
C SER A 10 -10.58 37.28 28.64
N LEU A 11 -9.68 37.39 29.61
CA LEU A 11 -8.76 36.32 29.91
C LEU A 11 -9.47 35.01 30.25
N SER A 12 -10.57 35.11 31.00
CA SER A 12 -11.31 33.91 31.38
C SER A 12 -11.99 33.23 30.19
N LEU A 13 -12.45 33.98 29.21
CA LEU A 13 -12.93 33.37 27.95
C LEU A 13 -11.80 32.72 27.16
N PHE A 14 -10.62 33.34 27.15
CA PHE A 14 -9.46 32.68 26.58
C PHE A 14 -9.18 31.35 27.26
N LYS A 15 -9.20 31.31 28.60
CA LYS A 15 -8.97 30.06 29.33
C LYS A 15 -10.06 29.00 29.08
N GLN A 16 -11.29 29.43 28.89
CA GLN A 16 -12.39 28.49 28.62
C GLN A 16 -12.23 27.81 27.24
N GLN A 17 -11.78 28.58 26.26
CA GLN A 17 -11.45 28.08 24.95
C GLN A 17 -10.51 26.86 24.94
N ILE A 18 -9.48 26.89 25.78
CA ILE A 18 -8.50 25.81 25.86
C ILE A 18 -8.76 24.90 27.06
N GLU A 19 -9.90 25.09 27.73
CA GLU A 19 -10.31 24.29 28.88
C GLU A 19 -9.20 24.16 29.94
N PHE A 20 -8.59 25.32 30.22
CA PHE A 20 -7.46 25.46 31.13
C PHE A 20 -7.94 26.08 32.45
N GLU A 21 -7.80 25.34 33.54
CA GLU A 21 -8.45 25.75 34.79
C GLU A 21 -7.46 26.06 35.93
N GLU A 22 -6.36 26.71 35.59
CA GLU A 22 -5.33 27.09 36.57
C GLU A 22 -4.98 28.56 36.38
N ASP A 23 -4.38 29.15 37.41
CA ASP A 23 -4.16 30.60 37.42
C ASP A 23 -2.69 30.99 37.31
N ASP A 24 -1.84 29.98 37.17
CA ASP A 24 -0.40 30.18 37.22
C ASP A 24 0.25 30.37 35.85
N ARG A 25 -0.55 30.50 34.79
CA ARG A 25 -0.02 30.77 33.44
C ARG A 25 -0.70 31.96 32.77
N ASP A 26 -1.19 32.89 33.58
CA ASP A 26 -1.93 34.05 33.07
C ASP A 26 -1.07 34.89 32.14
N GLU A 27 0.21 35.03 32.48
CA GLU A 27 1.16 35.84 31.70
C GLU A 27 1.48 35.23 30.32
N LEU A 28 1.71 33.93 30.29
CA LEU A 28 1.97 33.24 29.02
C LEU A 28 0.72 33.26 28.12
N ILE A 29 -0.43 32.96 28.69
CA ILE A 29 -1.72 32.95 27.98
C ILE A 29 -2.02 34.33 27.41
N THR A 30 -1.71 35.37 28.19
CA THR A 30 -1.90 36.74 27.74
C THR A 30 -1.04 37.03 26.50
N LEU A 31 0.20 36.55 26.52
CA LEU A 31 1.09 36.69 25.40
C LEU A 31 0.55 35.99 24.14
N TYR A 32 0.06 34.76 24.28
CA TYR A 32 -0.57 34.07 23.14
C TYR A 32 -1.79 34.84 22.65
N ALA A 33 -2.59 35.36 23.60
CA ALA A 33 -3.79 36.12 23.24
C ALA A 33 -3.41 37.36 22.41
N GLN A 34 -2.39 38.10 22.88
CA GLN A 34 -1.90 39.28 22.22
C GLN A 34 -1.32 38.95 20.84
N ALA A 35 -0.56 37.86 20.75
CA ALA A 35 0.00 37.42 19.47
C ALA A 35 -1.11 37.06 18.48
N ALA A 36 -2.12 36.30 18.95
CA ALA A 36 -3.24 35.93 18.10
C ALA A 36 -4.00 37.17 17.59
N PHE A 37 -4.27 38.11 18.50
CA PHE A 37 -4.96 39.34 18.13
C PHE A 37 -4.13 40.15 17.14
N ASP A 38 -2.83 40.31 17.43
CA ASP A 38 -1.94 41.02 16.53
C ASP A 38 -1.97 40.38 15.14
N TYR A 39 -1.82 39.05 15.09
CA TYR A 39 -1.86 38.34 13.82
C TYR A 39 -3.15 38.62 13.04
N CYS A 40 -4.30 38.44 13.69
CA CYS A 40 -5.58 38.53 13.02
C CYS A 40 -5.89 39.97 12.60
N ARG A 42 -3.62 42.36 11.85
CA ARG A 42 -2.77 42.68 10.72
C ARG A 42 -3.26 42.01 9.44
N TRP A 43 -3.64 40.75 9.53
CA TRP A 43 -4.17 40.02 8.39
C TRP A 43 -5.41 40.71 7.84
N CYS A 44 -6.31 41.13 8.72
CA CYS A 44 -7.55 41.79 8.32
C CYS A 44 -7.32 43.20 7.74
N ASP A 45 -6.37 43.92 8.32
CA ASP A 45 -5.94 45.22 7.79
C ASP A 45 -7.11 46.21 7.63
N GLU A 46 -7.92 46.31 8.66
CA GLU A 46 -9.12 47.15 8.65
C GLU A 46 -8.93 48.33 9.60
N PRO A 47 -8.55 49.51 9.06
CA PRO A 47 -8.26 50.69 9.88
C PRO A 47 -9.46 51.24 10.66
N ALA A 48 -10.68 50.89 10.23
CA ALA A 48 -11.90 51.44 10.79
C ALA A 48 -12.24 50.89 12.19
N TRP A 49 -11.59 49.80 12.59
CA TRP A 49 -11.79 49.27 13.93
C TRP A 49 -10.90 50.02 14.92
N LYS A 50 -11.50 50.99 15.58
CA LYS A 50 -10.75 51.93 16.42
C LYS A 50 -10.74 51.49 17.88
N VAL A 51 -11.83 50.86 18.31
CA VAL A 51 -11.96 50.40 19.69
C VAL A 51 -12.40 48.93 19.76
N ALA A 52 -12.18 48.32 20.93
CA ALA A 52 -12.55 46.93 21.18
C ALA A 52 -13.93 46.55 20.63
N ALA A 53 -14.92 47.40 20.89
CA ALA A 53 -16.30 47.17 20.45
C ALA A 53 -16.48 47.09 18.93
N ASP A 54 -15.52 47.60 18.16
CA ASP A 54 -15.64 47.57 16.69
C ASP A 54 -15.37 46.19 16.08
N ILE A 55 -14.71 45.30 16.83
CA ILE A 55 -14.27 44.00 16.28
C ILE A 55 -15.46 43.06 16.08
N PRO A 56 -15.68 42.61 14.82
CA PRO A 56 -16.80 41.72 14.50
C PRO A 56 -16.60 40.34 15.10
N ALA A 57 -17.71 39.64 15.27
CA ALA A 57 -17.76 38.37 16.00
C ALA A 57 -16.98 37.29 15.29
N ALA A 58 -17.02 37.27 13.96
CA ALA A 58 -16.29 36.25 13.21
C ALA A 58 -14.76 36.37 13.43
N VAL A 59 -14.27 37.60 13.50
CA VAL A 59 -12.86 37.88 13.79
C VAL A 59 -12.48 37.42 15.21
N LYS A 60 -13.34 37.66 16.19
CA LYS A 60 -13.15 37.14 17.54
C LYS A 60 -13.04 35.61 17.49
N GLY A 61 -13.87 34.98 16.67
CA GLY A 61 -13.81 33.53 16.50
C GLY A 61 -12.44 33.10 15.97
N ALA A 62 -11.92 33.84 15.00
CA ALA A 62 -10.59 33.57 14.45
C ALA A 62 -9.48 33.77 15.50
N VAL A 63 -9.54 34.86 16.26
CA VAL A 63 -8.58 35.08 17.35
C VAL A 63 -8.56 33.89 18.36
N LEU A 64 -9.72 33.38 18.73
CA LEU A 64 -9.74 32.21 19.64
C LEU A 64 -9.06 30.97 19.06
N LEU A 65 -9.30 30.70 17.78
CA LEU A 65 -8.70 29.53 17.10
C LEU A 65 -7.17 29.64 17.00
N VAL A 66 -6.71 30.82 16.65
CA VAL A 66 -5.26 31.08 16.53
C VAL A 66 -4.59 31.02 17.91
N PHE A 67 -5.25 31.59 18.91
CA PHE A 67 -4.75 31.55 20.28
C PHE A 67 -4.59 30.10 20.75
N ALA A 68 -5.64 29.32 20.60
CA ALA A 68 -5.64 27.94 21.09
C ALA A 68 -4.56 27.11 20.39
N ASP A 69 -4.37 27.34 19.09
CA ASP A 69 -3.29 26.70 18.36
C ASP A 69 -1.91 26.99 18.98
N PHE A 71 -1.40 27.82 22.07
CA PHE A 71 -1.36 27.16 23.37
C PHE A 71 -1.05 25.66 23.25
N GLU A 72 -1.60 25.00 22.23
CA GLU A 72 -1.51 23.53 22.14
C GLU A 72 -0.25 23.09 21.42
N HIS A 73 0.21 23.92 20.50
CA HIS A 73 1.27 23.53 19.56
C HIS A 73 2.39 24.53 19.72
N ARG A 74 3.41 24.12 20.48
CA ARG A 74 4.43 25.03 21.02
C ARG A 74 5.74 25.16 20.22
N THR A 75 5.92 24.34 19.19
CA THR A 75 7.21 24.28 18.46
C THR A 75 7.07 24.65 16.99
N ALA A 76 8.10 25.27 16.44
CA ALA A 76 8.12 25.67 15.03
C ALA A 76 8.14 24.48 14.08
N GLN A 77 8.58 23.32 14.58
CA GLN A 77 8.50 22.04 13.84
C GLN A 77 7.90 20.98 14.73
N SER A 78 7.24 19.99 14.15
CA SER A 78 6.75 18.86 14.96
C SER A 78 6.98 17.52 14.27
N GLU A 79 6.99 16.46 15.06
CA GLU A 79 7.11 15.09 14.55
C GLU A 79 5.77 14.61 13.94
N VAL A 80 4.66 15.23 14.33
CA VAL A 80 3.37 14.95 13.68
C VAL A 80 2.89 16.10 12.79
N GLN A 81 2.40 15.76 11.61
CA GLN A 81 1.86 16.72 10.66
C GLN A 81 0.74 17.50 11.32
N LEU A 82 0.75 18.82 11.14
CA LEU A 82 -0.39 19.65 11.52
C LEU A 82 -1.25 19.89 10.27
N TYR A 83 -2.56 19.93 10.46
CA TYR A 83 -3.48 20.21 9.38
C TYR A 83 -4.20 21.51 9.68
N GLU A 84 -4.23 22.39 8.68
CA GLU A 84 -4.85 23.69 8.82
C GLU A 84 -6.35 23.47 9.04
N ASN A 85 -6.91 24.19 10.02
CA ASN A 85 -8.35 24.22 10.20
C ASN A 85 -8.87 25.42 9.41
N ALA A 86 -9.60 25.12 8.36
CA ALA A 86 -10.02 26.13 7.39
C ALA A 86 -10.89 27.22 7.99
N ALA A 87 -11.54 26.94 9.12
CA ALA A 87 -12.42 27.91 9.76
C ALA A 87 -11.68 29.22 10.10
N ALA A 88 -10.45 29.09 10.59
CA ALA A 88 -9.67 30.27 11.00
C ALA A 88 -9.58 31.32 9.87
N GLU A 89 -9.08 30.92 8.70
CA GLU A 89 -8.91 31.86 7.60
C GLU A 89 -10.25 32.29 7.02
N ARG A 90 -11.25 31.40 7.04
CA ARG A 90 -12.59 31.74 6.54
C ARG A 90 -13.26 32.83 7.39
N PHE A 93 -11.18 36.07 6.55
CA PHE A 93 -11.35 36.49 5.16
C PHE A 93 -12.65 37.25 4.97
N ILE A 94 -13.66 36.84 5.73
CA ILE A 94 -15.00 37.43 5.66
C ILE A 94 -15.01 38.92 6.10
N HIS A 95 -13.94 39.35 6.79
CA HIS A 95 -13.73 40.76 7.20
C HIS A 95 -12.37 41.38 6.78
N ARG A 96 -11.74 40.80 5.77
CA ARG A 96 -10.48 41.36 5.26
C ARG A 96 -10.71 42.70 4.57
N ASN A 97 -9.71 43.58 4.61
CA ASN A 97 -9.77 44.87 3.93
C ASN A 97 -8.76 44.93 2.78
N ALA B 2 -28.15 45.54 12.49
CA ALA B 2 -27.42 44.30 12.88
C ALA B 2 -28.31 43.42 13.77
N ILE B 3 -28.46 42.15 13.37
CA ILE B 3 -29.37 41.21 13.99
C ILE B 3 -28.66 40.45 15.13
N ASP B 4 -29.36 40.26 16.24
CA ASP B 4 -28.82 39.48 17.37
C ASP B 4 -29.13 38.02 17.08
N VAL B 5 -28.10 37.18 17.04
CA VAL B 5 -28.27 35.77 16.70
C VAL B 5 -29.27 35.07 17.60
N LEU B 6 -29.29 35.46 18.87
CA LEU B 6 -30.17 34.87 19.86
C LEU B 6 -31.64 35.29 19.67
N ASP B 7 -31.90 36.27 18.81
CA ASP B 7 -33.27 36.51 18.42
C ASP B 7 -33.69 35.52 17.33
N VAL B 8 -32.70 34.92 16.66
CA VAL B 8 -32.93 34.02 15.53
C VAL B 8 -33.00 32.57 16.03
N ILE B 9 -32.01 32.21 16.83
CA ILE B 9 -31.96 30.87 17.47
C ILE B 9 -31.57 31.08 18.93
N SER B 10 -32.40 30.57 19.84
CA SER B 10 -32.15 30.73 21.27
C SER B 10 -30.88 29.99 21.73
N LEU B 11 -30.29 30.49 22.80
CA LEU B 11 -29.14 29.84 23.40
C LEU B 11 -29.46 28.37 23.72
N SER B 12 -30.64 28.10 24.24
CA SER B 12 -30.95 26.73 24.57
C SER B 12 -31.04 25.80 23.35
N LEU B 13 -31.41 26.34 22.17
CA LEU B 13 -31.42 25.50 20.97
C LEU B 13 -29.97 25.27 20.51
N PHE B 14 -29.12 26.28 20.66
CA PHE B 14 -27.68 26.06 20.41
C PHE B 14 -27.11 24.97 21.25
N LYS B 15 -27.41 24.98 22.54
CA LYS B 15 -26.95 23.93 23.44
C LYS B 15 -27.49 22.55 23.06
N GLN B 16 -28.74 22.47 22.63
CA GLN B 16 -29.28 21.19 22.10
C GLN B 16 -28.51 20.71 20.84
N GLN B 17 -28.14 21.64 19.93
CA GLN B 17 -27.34 21.30 18.75
C GLN B 17 -26.08 20.52 19.13
N ILE B 18 -25.37 21.02 20.13
CA ILE B 18 -24.14 20.35 20.57
C ILE B 18 -24.32 19.36 21.72
N GLU B 19 -25.55 19.07 22.11
CA GLU B 19 -25.85 18.15 23.20
C GLU B 19 -25.10 18.55 24.48
N PHE B 20 -25.12 19.84 24.79
CA PHE B 20 -24.35 20.40 25.89
C PHE B 20 -25.31 20.84 27.00
N GLU B 21 -25.27 20.14 28.13
CA GLU B 21 -26.30 20.29 29.15
C GLU B 21 -25.86 21.09 30.40
N GLU B 22 -24.63 21.60 30.38
CA GLU B 22 -24.12 22.44 31.47
C GLU B 22 -24.44 23.92 31.27
N ASP B 23 -24.45 24.67 32.38
CA ASP B 23 -24.81 26.08 32.36
C ASP B 23 -23.62 27.01 32.63
N ASP B 24 -22.44 26.43 32.76
CA ASP B 24 -21.25 27.22 33.10
C ASP B 24 -20.45 27.78 31.91
N ARG B 25 -20.99 27.65 30.69
CA ARG B 25 -20.30 28.15 29.48
C ARG B 25 -21.15 29.03 28.54
N ASP B 26 -22.15 29.73 29.09
CA ASP B 26 -23.08 30.51 28.28
C ASP B 26 -22.39 31.61 27.47
N GLU B 27 -21.41 32.27 28.09
CA GLU B 27 -20.71 33.36 27.44
C GLU B 27 -19.86 32.87 26.27
N LEU B 28 -19.11 31.79 26.48
CA LEU B 28 -18.32 31.17 25.42
C LEU B 28 -19.22 30.69 24.26
N ILE B 29 -20.27 29.95 24.60
CA ILE B 29 -21.24 29.45 23.61
C ILE B 29 -21.87 30.59 22.82
N THR B 30 -22.22 31.68 23.52
CA THR B 30 -22.79 32.85 22.84
C THR B 30 -21.79 33.40 21.83
N LEU B 31 -20.52 33.46 22.21
CA LEU B 31 -19.49 33.97 21.33
C LEU B 31 -19.40 33.11 20.08
N TYR B 32 -19.38 31.77 20.23
CA TYR B 32 -19.40 30.89 19.06
C TYR B 32 -20.63 31.18 18.17
N ALA B 33 -21.77 31.37 18.83
CA ALA B 33 -23.05 31.59 18.14
C ALA B 33 -23.00 32.87 17.31
N GLN B 34 -22.49 33.94 17.91
CA GLN B 34 -22.29 35.24 17.26
C GLN B 34 -21.31 35.18 16.08
N ALA B 35 -20.22 34.44 16.28
CA ALA B 35 -19.22 34.24 15.25
C ALA B 35 -19.79 33.50 14.03
N ALA B 36 -20.51 32.41 14.30
CA ALA B 36 -21.18 31.61 13.27
C ALA B 36 -22.22 32.43 12.54
N PHE B 37 -23.03 33.20 13.26
CA PHE B 37 -24.04 34.05 12.63
C PHE B 37 -23.41 35.13 11.71
N ASP B 38 -22.41 35.84 12.22
CA ASP B 38 -21.68 36.92 11.51
C ASP B 38 -21.07 36.38 10.20
N TYR B 39 -20.44 35.22 10.32
CA TYR B 39 -19.85 34.51 9.20
C TYR B 39 -20.87 34.17 8.11
N CYS B 40 -21.94 33.48 8.48
CA CYS B 40 -22.99 33.12 7.52
C CYS B 40 -23.69 34.33 6.90
N ARG B 42 -22.38 37.47 6.44
CA ARG B 42 -21.45 38.10 5.48
C ARG B 42 -21.30 37.26 4.19
N TRP B 43 -21.20 35.95 4.36
CA TRP B 43 -21.10 35.04 3.26
C TRP B 43 -22.30 35.12 2.31
N CYS B 44 -23.53 35.11 2.83
CA CYS B 44 -24.72 35.22 1.98
C CYS B 44 -24.90 36.63 1.37
N ASP B 45 -24.56 37.66 2.15
CA ASP B 45 -24.55 39.05 1.70
C ASP B 45 -25.91 39.50 1.17
N GLU B 46 -26.96 39.18 1.92
CA GLU B 46 -28.35 39.49 1.55
C GLU B 46 -28.85 40.73 2.30
N PRO B 47 -28.88 41.91 1.63
CA PRO B 47 -29.33 43.12 2.31
C PRO B 47 -30.82 43.14 2.67
N ALA B 48 -31.60 42.19 2.14
CA ALA B 48 -33.03 42.12 2.41
C ALA B 48 -33.43 41.60 3.79
N TRP B 49 -32.52 40.94 4.51
CA TRP B 49 -32.81 40.43 5.85
C TRP B 49 -32.51 41.50 6.88
N LYS B 50 -33.56 42.14 7.39
CA LYS B 50 -33.40 43.29 8.27
C LYS B 50 -33.72 42.97 9.72
N VAL B 51 -34.53 41.93 9.92
CA VAL B 51 -34.93 41.52 11.26
C VAL B 51 -34.71 40.02 11.43
N ALA B 52 -34.61 39.57 12.67
CA ALA B 52 -34.45 38.14 12.97
C ALA B 52 -35.47 37.29 12.22
N ALA B 53 -36.72 37.74 12.12
CA ALA B 53 -37.77 36.98 11.44
C ALA B 53 -37.50 36.71 9.97
N ASP B 54 -36.66 37.54 9.32
CA ASP B 54 -36.30 37.36 7.91
C ASP B 54 -35.34 36.20 7.59
N ILE B 55 -34.63 35.68 8.59
CA ILE B 55 -33.57 34.70 8.28
C ILE B 55 -34.21 33.35 7.90
N PRO B 56 -33.90 32.84 6.69
CA PRO B 56 -34.57 31.62 6.25
C PRO B 56 -34.00 30.41 6.92
N ALA B 57 -34.80 29.35 6.88
CA ALA B 57 -34.52 28.07 7.49
C ALA B 57 -33.19 27.43 7.07
N ALA B 58 -32.87 27.42 5.77
CA ALA B 58 -31.61 26.79 5.40
C ALA B 58 -30.39 27.53 5.99
N VAL B 59 -30.49 28.84 6.14
CA VAL B 59 -29.39 29.64 6.75
C VAL B 59 -29.26 29.36 8.26
N LYS B 60 -30.39 29.22 8.96
CA LYS B 60 -30.28 28.81 10.35
C LYS B 60 -29.57 27.46 10.48
N GLY B 61 -29.86 26.52 9.57
CA GLY B 61 -29.19 25.22 9.54
C GLY B 61 -27.69 25.37 9.38
N ALA B 62 -27.27 26.15 8.39
CA ALA B 62 -25.87 26.51 8.22
C ALA B 62 -25.24 27.12 9.48
N VAL B 63 -25.94 28.07 10.10
CA VAL B 63 -25.42 28.70 11.30
C VAL B 63 -25.20 27.66 12.41
N LEU B 64 -26.13 26.73 12.57
CA LEU B 64 -26.00 25.66 13.57
C LEU B 64 -24.77 24.78 13.31
N LEU B 65 -24.52 24.46 12.05
CA LEU B 65 -23.36 23.63 11.65
C LEU B 65 -22.05 24.36 11.95
N VAL B 66 -21.99 25.64 11.61
CA VAL B 66 -20.76 26.43 11.80
C VAL B 66 -20.50 26.63 13.31
N PHE B 67 -21.57 26.88 14.05
CA PHE B 67 -21.50 27.02 15.49
C PHE B 67 -20.92 25.76 16.13
N ALA B 68 -21.48 24.61 15.75
CA ALA B 68 -21.09 23.34 16.33
C ALA B 68 -19.63 23.04 16.02
N ASP B 69 -19.18 23.40 14.82
CA ASP B 69 -17.80 23.21 14.43
C ASP B 69 -16.86 23.99 15.35
N PHE B 71 -17.53 24.88 18.38
CA PHE B 71 -17.60 24.32 19.72
C PHE B 71 -16.68 23.12 19.82
N GLU B 72 -16.63 22.31 18.76
CA GLU B 72 -15.91 21.05 18.76
C GLU B 72 -14.43 21.16 18.40
N HIS B 73 -14.07 22.11 17.54
CA HIS B 73 -12.72 22.16 16.99
C HIS B 73 -12.16 23.54 17.28
N ARG B 74 -11.30 23.56 18.29
CA ARG B 74 -10.88 24.77 18.99
C ARG B 74 -9.59 25.45 18.49
N THR B 75 -8.83 24.78 17.60
CA THR B 75 -7.49 25.23 17.23
C THR B 75 -7.41 25.49 15.74
N ALA B 76 -6.64 26.51 15.34
CA ALA B 76 -6.45 26.85 13.93
C ALA B 76 -5.68 25.77 13.16
N GLN B 77 -5.02 24.88 13.88
CA GLN B 77 -4.35 23.71 13.30
C GLN B 77 -4.64 22.52 14.20
N SER B 78 -4.81 21.35 13.60
CA SER B 78 -5.01 20.15 14.40
C SER B 78 -4.15 19.01 13.92
N GLU B 79 -3.91 18.09 14.83
CA GLU B 79 -3.20 16.84 14.57
C GLU B 79 -3.99 15.94 13.57
N VAL B 80 -5.30 15.93 13.70
CA VAL B 80 -6.12 15.09 12.81
C VAL B 80 -6.78 15.94 11.74
N GLN B 81 -6.85 15.38 10.54
CA GLN B 81 -7.39 16.11 9.42
C GLN B 81 -8.90 16.34 9.59
N LEU B 82 -9.32 17.55 9.24
CA LEU B 82 -10.74 17.87 9.24
C LEU B 82 -11.21 17.91 7.82
N TYR B 83 -12.38 17.33 7.59
CA TYR B 83 -13.02 17.30 6.28
C TYR B 83 -14.25 18.20 6.30
N GLU B 84 -14.42 18.99 5.23
CA GLU B 84 -15.56 19.89 5.12
C GLU B 84 -16.82 19.11 4.92
N ASN B 85 -17.82 19.40 5.74
CA ASN B 85 -19.17 18.93 5.55
C ASN B 85 -19.82 19.86 4.54
N ALA B 86 -20.05 19.33 3.34
CA ALA B 86 -20.64 20.06 2.24
C ALA B 86 -22.01 20.66 2.57
N ALA B 87 -22.74 20.08 3.53
CA ALA B 87 -24.05 20.60 3.92
C ALA B 87 -24.05 22.09 4.27
N ALA B 88 -23.00 22.53 4.96
CA ALA B 88 -22.94 23.90 5.46
C ALA B 88 -22.99 24.92 4.31
N GLU B 89 -22.10 24.72 3.33
CA GLU B 89 -21.97 25.62 2.19
C GLU B 89 -23.17 25.51 1.26
N ARG B 90 -23.68 24.29 1.09
CA ARG B 90 -24.85 24.09 0.24
C ARG B 90 -26.11 24.74 0.83
N PHE B 93 -25.43 28.53 0.10
CA PHE B 93 -25.36 28.83 -1.32
C PHE B 93 -26.71 29.22 -1.94
N ILE B 94 -27.77 28.47 -1.58
CA ILE B 94 -29.11 28.66 -2.16
C ILE B 94 -29.76 29.97 -1.73
N HIS B 95 -29.08 30.71 -0.83
CA HIS B 95 -29.54 32.03 -0.39
C HIS B 95 -28.49 33.15 -0.55
N ARG B 96 -27.43 32.88 -1.32
CA ARG B 96 -26.42 33.88 -1.60
C ARG B 96 -27.03 34.98 -2.46
N ASN B 97 -26.62 36.23 -2.23
CA ASN B 97 -27.02 37.31 -3.13
C ASN B 97 -25.78 37.90 -3.80
N ALA C 2 -45.64 30.39 0.92
CA ALA C 2 -44.67 29.31 1.00
C ALA C 2 -45.29 28.07 1.63
N ILE C 3 -45.01 26.93 1.02
CA ILE C 3 -45.45 25.65 1.51
C ILE C 3 -44.70 25.37 2.80
N ASP C 4 -45.46 24.92 3.81
CA ASP C 4 -44.93 24.56 5.09
C ASP C 4 -44.53 23.09 4.97
N VAL C 5 -43.33 22.74 5.41
CA VAL C 5 -42.82 21.36 5.36
C VAL C 5 -43.75 20.40 6.14
N LEU C 6 -44.31 20.88 7.25
CA LEU C 6 -45.12 20.01 8.14
C LEU C 6 -46.51 19.70 7.58
N ASP C 7 -46.88 20.40 6.49
CA ASP C 7 -48.05 20.02 5.67
C ASP C 7 -47.68 18.98 4.60
N VAL C 8 -46.38 18.80 4.36
CA VAL C 8 -45.88 17.78 3.41
C VAL C 8 -45.50 16.48 4.13
N ILE C 9 -44.77 16.60 5.24
CA ILE C 9 -44.32 15.44 6.01
C ILE C 9 -44.47 15.77 7.50
N SER C 10 -45.23 14.96 8.23
CA SER C 10 -45.45 15.24 9.65
C SER C 10 -44.18 15.06 10.47
N LEU C 11 -44.16 15.69 11.63
CA LEU C 11 -43.01 15.56 12.51
C LEU C 11 -42.85 14.11 12.95
N SER C 12 -43.96 13.41 13.13
CA SER C 12 -43.94 11.99 13.44
C SER C 12 -43.10 11.17 12.45
N LEU C 13 -43.30 11.41 11.16
CA LEU C 13 -42.52 10.77 10.11
C LEU C 13 -41.05 11.19 10.09
N PHE C 14 -40.78 12.45 10.41
CA PHE C 14 -39.38 12.89 10.56
C PHE C 14 -38.69 12.13 11.68
N LYS C 15 -39.37 12.00 12.82
CA LYS C 15 -38.83 11.24 13.95
C LYS C 15 -38.60 9.75 13.62
N GLN C 16 -39.49 9.15 12.83
CA GLN C 16 -39.31 7.75 12.41
C GLN C 16 -38.14 7.60 11.43
N GLN C 17 -37.96 8.56 10.52
CA GLN C 17 -36.78 8.56 9.64
C GLN C 17 -35.48 8.34 10.45
N ILE C 18 -35.33 9.07 11.55
CA ILE C 18 -34.11 9.00 12.36
C ILE C 18 -34.24 8.05 13.56
N GLU C 19 -35.33 7.29 13.63
CA GLU C 19 -35.51 6.37 14.74
C GLU C 19 -35.43 7.07 16.10
N PHE C 20 -36.02 8.27 16.19
CA PHE C 20 -35.90 9.06 17.40
C PHE C 20 -37.18 8.93 18.20
N GLU C 21 -37.09 8.42 19.42
CA GLU C 21 -38.26 8.02 20.22
C GLU C 21 -38.77 9.05 21.24
N GLU C 22 -37.89 9.94 21.67
CA GLU C 22 -38.18 10.97 22.67
C GLU C 22 -39.03 12.12 22.10
N ASP C 23 -39.70 12.85 22.99
CA ASP C 23 -40.56 13.97 22.59
C ASP C 23 -40.05 15.34 23.05
N ASP C 24 -38.82 15.37 23.56
CA ASP C 24 -38.28 16.58 24.15
C ASP C 24 -37.36 17.33 23.19
N ARG C 25 -37.42 16.97 21.91
CA ARG C 25 -36.62 17.70 20.90
C ARG C 25 -37.40 18.14 19.65
N ASP C 26 -38.71 18.39 19.80
CA ASP C 26 -39.53 18.76 18.64
C ASP C 26 -39.08 20.06 17.96
N GLU C 27 -38.70 21.06 18.75
CA GLU C 27 -38.27 22.35 18.23
C GLU C 27 -36.98 22.21 17.37
N LEU C 28 -35.97 21.52 17.88
CA LEU C 28 -34.75 21.26 17.13
C LEU C 28 -35.02 20.47 15.83
N ILE C 29 -35.81 19.41 15.94
CA ILE C 29 -36.19 18.58 14.78
C ILE C 29 -36.98 19.39 13.72
N THR C 30 -37.90 20.22 14.18
CA THR C 30 -38.66 21.09 13.30
C THR C 30 -37.71 21.99 12.51
N LEU C 31 -36.71 22.56 13.19
CA LEU C 31 -35.73 23.44 12.51
C LEU C 31 -34.96 22.67 11.42
N TYR C 32 -34.55 21.45 11.71
CA TYR C 32 -33.86 20.61 10.73
C TYR C 32 -34.78 20.29 9.57
N ALA C 33 -36.02 19.92 9.90
CA ALA C 33 -37.05 19.68 8.86
C ALA C 33 -37.24 20.92 7.96
N GLN C 34 -37.37 22.09 8.58
CA GLN C 34 -37.57 23.35 7.84
C GLN C 34 -36.35 23.69 6.97
N ALA C 35 -35.16 23.48 7.51
CA ALA C 35 -33.93 23.69 6.76
C ALA C 35 -33.84 22.75 5.54
N ALA C 36 -34.14 21.48 5.76
CA ALA C 36 -34.07 20.46 4.68
C ALA C 36 -35.04 20.77 3.55
N PHE C 37 -36.28 21.12 3.93
CA PHE C 37 -37.32 21.49 2.97
C PHE C 37 -36.94 22.74 2.17
N ASP C 38 -36.47 23.79 2.87
CA ASP C 38 -36.00 25.03 2.24
C ASP C 38 -34.92 24.70 1.20
N TYR C 39 -33.94 23.89 1.60
CA TYR C 39 -32.90 23.45 0.69
C TYR C 39 -33.42 22.67 -0.55
N CYS C 40 -34.23 21.66 -0.32
CA CYS C 40 -34.74 20.83 -1.43
C CYS C 40 -35.64 21.65 -2.37
N ARG C 42 -35.51 24.99 -2.97
CA ARG C 42 -34.73 25.92 -3.74
C ARG C 42 -33.87 25.20 -4.79
N TRP C 43 -33.38 24.01 -4.46
CA TRP C 43 -32.59 23.22 -5.38
C TRP C 43 -33.44 22.72 -6.54
N CYS C 44 -34.65 22.23 -6.28
CA CYS C 44 -35.58 21.85 -7.35
C CYS C 44 -36.10 23.03 -8.17
N ASP C 45 -36.32 24.16 -7.50
CA ASP C 45 -36.71 25.41 -8.17
C ASP C 45 -37.90 25.17 -9.09
N GLU C 46 -38.96 24.58 -8.54
CA GLU C 46 -40.18 24.29 -9.28
C GLU C 46 -41.36 25.11 -8.73
N PRO C 47 -41.58 26.32 -9.29
CA PRO C 47 -42.70 27.15 -8.85
C PRO C 47 -44.07 26.54 -9.14
N ALA C 48 -44.13 25.57 -10.06
CA ALA C 48 -45.39 24.88 -10.37
C ALA C 48 -45.98 24.12 -9.17
N TRP C 49 -45.15 23.82 -8.16
CA TRP C 49 -45.66 23.26 -6.91
C TRP C 49 -46.19 24.40 -6.03
N LYS C 50 -47.50 24.56 -6.04
CA LYS C 50 -48.12 25.69 -5.35
C LYS C 50 -48.58 25.33 -3.94
N VAL C 51 -49.07 24.09 -3.78
CA VAL C 51 -49.51 23.59 -2.47
C VAL C 51 -48.78 22.31 -2.06
N ALA C 52 -48.93 21.93 -0.79
CA ALA C 52 -48.25 20.75 -0.24
C ALA C 52 -48.48 19.49 -1.08
N ALA C 53 -49.73 19.29 -1.52
CA ALA C 53 -50.08 18.10 -2.30
C ALA C 53 -49.39 18.00 -3.65
N ASP C 54 -48.87 19.12 -4.17
CA ASP C 54 -48.16 19.12 -5.46
C ASP C 54 -46.77 18.48 -5.39
N ILE C 55 -46.21 18.38 -4.18
CA ILE C 55 -44.84 17.87 -4.03
C ILE C 55 -44.78 16.35 -4.29
N PRO C 56 -44.02 15.94 -5.31
CA PRO C 56 -43.88 14.52 -5.69
C PRO C 56 -43.23 13.66 -4.59
N ALA C 57 -43.60 12.39 -4.57
CA ALA C 57 -43.12 11.48 -3.55
C ALA C 57 -41.60 11.36 -3.53
N ALA C 58 -40.95 11.40 -4.70
CA ALA C 58 -39.48 11.23 -4.76
C ALA C 58 -38.81 12.40 -4.07
N VAL C 59 -39.42 13.59 -4.16
CA VAL C 59 -38.89 14.79 -3.53
C VAL C 59 -39.03 14.71 -2.00
N LYS C 60 -40.15 14.20 -1.54
CA LYS C 60 -40.34 13.91 -0.12
C LYS C 60 -39.26 12.94 0.40
N GLY C 61 -38.86 11.96 -0.41
CA GLY C 61 -37.75 11.05 -0.07
C GLY C 61 -36.46 11.82 0.09
N ALA C 62 -36.19 12.76 -0.82
CA ALA C 62 -35.01 13.63 -0.76
C ALA C 62 -34.99 14.48 0.52
N VAL C 63 -36.12 15.13 0.79
CA VAL C 63 -36.29 15.92 2.02
C VAL C 63 -35.94 15.10 3.26
N LEU C 64 -36.42 13.86 3.35
CA LEU C 64 -36.08 13.02 4.53
C LEU C 64 -34.59 12.71 4.65
N LEU C 65 -33.94 12.45 3.50
CA LEU C 65 -32.49 12.20 3.49
C LEU C 65 -31.69 13.41 3.97
N VAL C 66 -32.09 14.60 3.52
CA VAL C 66 -31.42 15.84 3.90
C VAL C 66 -31.65 16.15 5.38
N PHE C 67 -32.88 15.96 5.82
CA PHE C 67 -33.21 16.12 7.23
C PHE C 67 -32.37 15.20 8.11
N ALA C 68 -32.35 13.89 7.80
CA ALA C 68 -31.65 12.93 8.62
C ALA C 68 -30.16 13.24 8.73
N ASP C 69 -29.59 13.74 7.63
CA ASP C 69 -28.18 14.14 7.59
C ASP C 69 -27.85 15.27 8.58
N PHE C 71 -29.63 15.91 11.26
CA PHE C 71 -29.76 15.32 12.58
C PHE C 71 -28.49 14.59 13.00
N GLU C 72 -27.90 13.82 12.09
CA GLU C 72 -26.78 12.92 12.43
C GLU C 72 -25.45 13.66 12.33
N HIS C 73 -25.33 14.61 11.39
CA HIS C 73 -24.04 15.27 11.18
C HIS C 73 -24.14 16.75 11.51
N ARG C 74 -23.72 17.09 12.73
CA ARG C 74 -24.02 18.38 13.36
C ARG C 74 -22.97 19.48 13.13
N THR C 75 -21.81 19.18 12.54
CA THR C 75 -20.73 20.14 12.45
C THR C 75 -20.35 20.44 11.00
N ALA C 76 -19.97 21.67 10.73
CA ALA C 76 -19.51 22.09 9.40
C ALA C 76 -18.22 21.42 8.95
N GLN C 77 -17.44 20.89 9.89
CA GLN C 77 -16.27 20.05 9.58
C GLN C 77 -16.28 18.79 10.44
N SER C 78 -15.75 17.68 9.91
CA SER C 78 -15.76 16.41 10.63
C SER C 78 -14.40 15.77 10.59
N GLU C 79 -14.10 14.98 11.62
CA GLU C 79 -12.85 14.24 11.72
C GLU C 79 -12.90 13.00 10.79
N VAL C 80 -14.11 12.57 10.46
CA VAL C 80 -14.31 11.50 9.45
C VAL C 80 -14.95 12.03 8.16
N GLN C 81 -14.38 11.64 7.03
CA GLN C 81 -14.88 12.06 5.72
C GLN C 81 -16.34 11.61 5.57
N LEU C 82 -17.16 12.48 5.00
CA LEU C 82 -18.51 12.13 4.64
C LEU C 82 -18.60 11.91 3.13
N TYR C 83 -19.39 10.94 2.73
CA TYR C 83 -19.60 10.63 1.33
C TYR C 83 -21.05 10.91 0.98
N GLU C 84 -21.26 11.57 -0.16
CA GLU C 84 -22.60 11.86 -0.62
C GLU C 84 -23.35 10.57 -0.93
N ASN C 85 -24.57 10.48 -0.43
CA ASN C 85 -25.50 9.45 -0.84
C ASN C 85 -26.20 9.94 -2.10
N ALA C 86 -25.90 9.31 -3.23
CA ALA C 86 -26.42 9.72 -4.54
C ALA C 86 -27.95 9.74 -4.61
N ALA C 87 -28.63 8.95 -3.76
CA ALA C 87 -30.08 8.86 -3.78
C ALA C 87 -30.73 10.23 -3.62
N ALA C 88 -30.12 11.08 -2.78
CA ALA C 88 -30.70 12.39 -2.46
C ALA C 88 -30.88 13.26 -3.71
N GLU C 89 -29.79 13.51 -4.42
CA GLU C 89 -29.83 14.32 -5.62
C GLU C 89 -30.55 13.64 -6.77
N ARG C 90 -30.41 12.32 -6.88
CA ARG C 90 -31.09 11.60 -7.96
C ARG C 90 -32.61 11.74 -7.88
N PHE C 93 -33.35 15.31 -8.86
CA PHE C 93 -33.01 15.57 -10.27
C PHE C 93 -34.15 15.27 -11.24
N ILE C 94 -34.90 14.20 -10.97
CA ILE C 94 -36.00 13.80 -11.85
C ILE C 94 -37.21 14.77 -11.78
N HIS C 95 -37.06 15.86 -11.03
CA HIS C 95 -38.08 16.90 -10.91
C HIS C 95 -37.41 18.28 -10.86
N ALA D 2 -53.22 8.93 -11.63
CA ALA D 2 -51.96 8.32 -11.14
C ALA D 2 -52.20 6.88 -10.71
N ILE D 3 -51.13 6.08 -10.74
CA ILE D 3 -51.17 4.73 -10.25
C ILE D 3 -50.75 4.77 -8.77
N ASP D 4 -51.50 4.06 -7.94
CA ASP D 4 -51.15 3.84 -6.53
C ASP D 4 -50.17 2.66 -6.45
N VAL D 5 -48.98 2.91 -5.90
CA VAL D 5 -47.91 1.92 -5.84
C VAL D 5 -48.36 0.63 -5.16
N LEU D 6 -49.23 0.74 -4.16
CA LEU D 6 -49.71 -0.45 -3.43
C LEU D 6 -50.71 -1.31 -4.22
N ASP D 7 -51.18 -0.79 -5.36
CA ASP D 7 -51.96 -1.57 -6.33
C ASP D 7 -51.02 -2.38 -7.21
N VAL D 8 -49.74 -1.98 -7.23
CA VAL D 8 -48.70 -2.64 -8.03
C VAL D 8 -47.95 -3.68 -7.17
N ILE D 9 -47.52 -3.26 -5.98
CA ILE D 9 -46.81 -4.13 -5.04
C ILE D 9 -47.43 -3.87 -3.67
N SER D 10 -47.93 -4.92 -3.03
CA SER D 10 -48.65 -4.75 -1.78
C SER D 10 -47.71 -4.27 -0.67
N LEU D 11 -48.27 -3.59 0.31
CA LEU D 11 -47.48 -3.18 1.47
C LEU D 11 -46.80 -4.38 2.11
N SER D 12 -47.51 -5.49 2.27
CA SER D 12 -46.93 -6.68 2.89
C SER D 12 -45.72 -7.23 2.09
N LEU D 13 -45.80 -7.19 0.77
CA LEU D 13 -44.61 -7.53 -0.05
C LEU D 13 -43.45 -6.56 0.17
N PHE D 14 -43.74 -5.25 0.24
CA PHE D 14 -42.71 -4.25 0.55
C PHE D 14 -42.02 -4.57 1.87
N LYS D 15 -42.79 -4.99 2.86
CA LYS D 15 -42.23 -5.37 4.17
C LYS D 15 -41.37 -6.63 4.14
N GLN D 16 -41.73 -7.59 3.30
CA GLN D 16 -40.93 -8.80 3.11
C GLN D 16 -39.60 -8.51 2.38
N GLN D 17 -39.61 -7.58 1.42
CA GLN D 17 -38.39 -7.10 0.79
C GLN D 17 -37.32 -6.67 1.81
N ILE D 18 -37.73 -5.92 2.84
CA ILE D 18 -36.79 -5.45 3.86
C ILE D 18 -36.80 -6.31 5.15
N GLU D 19 -37.45 -7.47 5.09
CA GLU D 19 -37.59 -8.39 6.23
C GLU D 19 -38.02 -7.69 7.53
N PHE D 20 -39.05 -6.87 7.40
CA PHE D 20 -39.51 -6.04 8.49
C PHE D 20 -40.84 -6.57 9.00
N GLU D 21 -40.88 -6.83 10.30
CA GLU D 21 -41.97 -7.56 10.93
C GLU D 21 -43.08 -6.70 11.57
N GLU D 22 -42.72 -5.52 12.06
CA GLU D 22 -43.67 -4.65 12.76
C GLU D 22 -44.72 -4.01 11.84
N ASP D 23 -45.85 -3.64 12.43
CA ASP D 23 -46.92 -2.94 11.72
C ASP D 23 -47.01 -1.48 12.17
N ASP D 24 -45.94 -0.95 12.76
CA ASP D 24 -45.97 0.40 13.32
C ASP D 24 -45.08 1.39 12.56
N ARG D 25 -44.71 1.00 11.34
CA ARG D 25 -43.93 1.87 10.47
C ARG D 25 -44.58 1.91 9.09
N ASP D 26 -45.89 1.61 9.06
CA ASP D 26 -46.63 1.52 7.81
C ASP D 26 -46.67 2.82 7.00
N GLU D 27 -46.83 3.95 7.67
CA GLU D 27 -46.79 5.25 7.00
C GLU D 27 -45.42 5.57 6.38
N LEU D 28 -44.36 5.37 7.16
CA LEU D 28 -43.00 5.59 6.68
C LEU D 28 -42.66 4.67 5.49
N ILE D 29 -42.94 3.39 5.66
CA ILE D 29 -42.73 2.40 4.61
C ILE D 29 -43.52 2.75 3.35
N THR D 30 -44.76 3.23 3.52
CA THR D 30 -45.58 3.65 2.38
C THR D 30 -44.95 4.85 1.66
N LEU D 31 -44.40 5.79 2.43
CA LEU D 31 -43.68 6.92 1.85
C LEU D 31 -42.48 6.48 0.99
N TYR D 32 -41.67 5.57 1.53
CA TYR D 32 -40.53 5.02 0.80
C TYR D 32 -41.02 4.34 -0.50
N ALA D 33 -42.10 3.57 -0.38
CA ALA D 33 -42.65 2.84 -1.54
C ALA D 33 -43.14 3.81 -2.62
N GLN D 34 -43.85 4.85 -2.19
CA GLN D 34 -44.30 5.91 -3.08
C GLN D 34 -43.13 6.66 -3.72
N ALA D 35 -42.10 6.96 -2.93
CA ALA D 35 -40.93 7.65 -3.46
C ALA D 35 -40.19 6.78 -4.50
N ALA D 36 -39.99 5.50 -4.17
CA ALA D 36 -39.35 4.55 -5.10
C ALA D 36 -40.15 4.41 -6.39
N PHE D 37 -41.46 4.25 -6.25
CA PHE D 37 -42.31 4.12 -7.43
C PHE D 37 -42.28 5.40 -8.29
N ASP D 38 -42.49 6.56 -7.68
CA ASP D 38 -42.37 7.86 -8.38
C ASP D 38 -41.04 7.93 -9.10
N TYR D 39 -39.97 7.59 -8.38
CA TYR D 39 -38.64 7.64 -8.96
C TYR D 39 -38.53 6.78 -10.23
N CYS D 40 -38.96 5.52 -10.14
CA CYS D 40 -38.81 4.61 -11.28
C CYS D 40 -39.72 4.95 -12.46
N ARG D 42 -40.80 7.99 -13.29
CA ARG D 42 -40.21 9.18 -13.92
C ARG D 42 -38.98 8.82 -14.77
N TRP D 43 -38.11 7.97 -14.21
CA TRP D 43 -36.95 7.48 -14.94
C TRP D 43 -37.33 6.74 -16.23
N CYS D 44 -38.31 5.84 -16.13
CA CYS D 44 -38.77 5.08 -17.30
C CYS D 44 -39.53 5.93 -18.30
N ASP D 45 -40.34 6.88 -17.81
CA ASP D 45 -41.06 7.84 -18.65
C ASP D 45 -41.88 7.12 -19.73
N GLU D 46 -42.65 6.10 -19.33
CA GLU D 46 -43.50 5.37 -20.25
C GLU D 46 -44.98 5.73 -20.06
N PRO D 47 -45.52 6.60 -20.95
CA PRO D 47 -46.90 7.10 -20.90
C PRO D 47 -47.94 6.02 -21.19
N ALA D 48 -47.51 4.93 -21.82
CA ALA D 48 -48.38 3.79 -22.11
C ALA D 48 -48.82 2.99 -20.88
N TRP D 49 -48.21 3.26 -19.73
CA TRP D 49 -48.56 2.54 -18.50
C TRP D 49 -49.65 3.29 -17.72
N LYS D 50 -50.90 2.92 -17.99
CA LYS D 50 -52.06 3.64 -17.45
C LYS D 50 -52.58 3.14 -16.10
N VAL D 51 -52.55 1.82 -15.89
CA VAL D 51 -53.01 1.23 -14.63
C VAL D 51 -51.94 0.31 -14.01
N ALA D 52 -52.17 -0.10 -12.77
CA ALA D 52 -51.23 -0.92 -12.01
C ALA D 52 -50.74 -2.12 -12.80
N ALA D 53 -51.67 -2.84 -13.43
CA ALA D 53 -51.36 -4.07 -14.18
C ALA D 53 -50.51 -3.85 -15.44
N ASP D 54 -50.35 -2.60 -15.86
CA ASP D 54 -49.46 -2.26 -16.99
C ASP D 54 -47.97 -2.35 -16.63
N ILE D 55 -47.64 -2.22 -15.34
CA ILE D 55 -46.24 -2.18 -14.89
C ILE D 55 -45.57 -3.56 -15.01
N PRO D 56 -44.50 -3.64 -15.81
CA PRO D 56 -43.75 -4.89 -16.06
C PRO D 56 -43.00 -5.36 -14.84
N ALA D 57 -42.75 -6.67 -14.77
CA ALA D 57 -42.14 -7.30 -13.61
C ALA D 57 -40.75 -6.76 -13.34
N ALA D 58 -39.99 -6.44 -14.40
CA ALA D 58 -38.61 -6.00 -14.21
C ALA D 58 -38.62 -4.65 -13.49
N VAL D 59 -39.61 -3.81 -13.80
CA VAL D 59 -39.75 -2.49 -13.20
C VAL D 59 -40.16 -2.61 -11.73
N LYS D 60 -41.05 -3.56 -11.44
CA LYS D 60 -41.36 -3.90 -10.07
C LYS D 60 -40.10 -4.25 -9.29
N GLY D 61 -39.21 -5.05 -9.90
CA GLY D 61 -37.94 -5.38 -9.28
C GLY D 61 -37.09 -4.15 -8.95
N ALA D 62 -36.97 -3.23 -9.90
CA ALA D 62 -36.25 -1.96 -9.66
C ALA D 62 -36.90 -1.19 -8.51
N VAL D 63 -38.22 -1.09 -8.51
CA VAL D 63 -38.94 -0.39 -7.45
C VAL D 63 -38.59 -0.98 -6.07
N LEU D 64 -38.57 -2.30 -5.96
CA LEU D 64 -38.23 -2.93 -4.67
C LEU D 64 -36.80 -2.57 -4.22
N LEU D 65 -35.86 -2.52 -5.16
CA LEU D 65 -34.46 -2.22 -4.84
C LEU D 65 -34.28 -0.80 -4.38
N VAL D 66 -34.93 0.13 -5.07
CA VAL D 66 -34.87 1.55 -4.73
C VAL D 66 -35.55 1.77 -3.36
N PHE D 67 -36.70 1.15 -3.16
CA PHE D 67 -37.44 1.21 -1.90
C PHE D 67 -36.57 0.73 -0.73
N ALA D 68 -35.91 -0.40 -0.89
CA ALA D 68 -35.14 -1.00 0.18
C ALA D 68 -33.92 -0.13 0.54
N ASP D 69 -33.35 0.52 -0.47
CA ASP D 69 -32.22 1.43 -0.27
C ASP D 69 -32.63 2.60 0.64
N PHE D 71 -35.08 2.52 2.78
CA PHE D 71 -35.29 1.98 4.13
C PHE D 71 -33.99 1.79 4.91
N GLU D 72 -32.95 1.33 4.22
CA GLU D 72 -31.69 1.01 4.87
C GLU D 72 -30.73 2.18 4.98
N HIS D 73 -30.82 3.15 4.07
CA HIS D 73 -29.87 4.27 4.02
C HIS D 73 -30.58 5.60 4.16
N ARG D 74 -30.53 6.12 5.38
CA ARG D 74 -31.45 7.15 5.84
C ARG D 74 -30.92 8.60 5.68
N THR D 75 -29.62 8.77 5.42
CA THR D 75 -29.02 10.11 5.42
C THR D 75 -28.44 10.49 4.06
N ALA D 76 -28.45 11.78 3.73
CA ALA D 76 -27.94 12.27 2.43
C ALA D 76 -26.42 12.21 2.30
N GLN D 77 -25.72 12.17 3.44
CA GLN D 77 -24.30 11.88 3.48
C GLN D 77 -24.06 10.72 4.45
N SER D 78 -23.12 9.85 4.13
CA SER D 78 -22.74 8.79 5.09
C SER D 78 -21.24 8.75 5.36
N GLU D 79 -20.87 8.14 6.48
CA GLU D 79 -19.48 7.92 6.83
C GLU D 79 -18.88 6.69 6.13
N VAL D 80 -19.72 5.87 5.50
CA VAL D 80 -19.20 4.78 4.65
C VAL D 80 -19.71 4.97 3.23
N GLN D 81 -18.82 4.81 2.27
CA GLN D 81 -19.17 4.96 0.86
C GLN D 81 -20.25 3.94 0.48
N LEU D 82 -21.23 4.40 -0.30
CA LEU D 82 -22.21 3.49 -0.85
C LEU D 82 -21.85 3.25 -2.29
N TYR D 83 -22.11 2.03 -2.76
CA TYR D 83 -21.82 1.69 -4.14
C TYR D 83 -23.10 1.36 -4.86
N GLU D 84 -23.25 1.87 -6.09
CA GLU D 84 -24.45 1.59 -6.88
C GLU D 84 -24.55 0.10 -7.20
N ASN D 85 -25.70 -0.49 -6.91
CA ASN D 85 -26.01 -1.85 -7.36
C ASN D 85 -26.60 -1.74 -8.76
N ALA D 86 -25.85 -2.19 -9.76
CA ALA D 86 -26.19 -2.02 -11.16
C ALA D 86 -27.52 -2.66 -11.58
N ALA D 87 -27.98 -3.63 -10.81
CA ALA D 87 -29.27 -4.30 -11.08
C ALA D 87 -30.47 -3.35 -11.18
N ALA D 88 -30.50 -2.30 -10.34
CA ALA D 88 -31.66 -1.38 -10.35
C ALA D 88 -31.82 -0.69 -11.71
N GLU D 89 -30.75 -0.06 -12.20
CA GLU D 89 -30.77 0.64 -13.48
C GLU D 89 -30.99 -0.33 -14.64
N ARG D 90 -30.37 -1.50 -14.59
CA ARG D 90 -30.53 -2.46 -15.68
C ARG D 90 -31.97 -2.95 -15.79
N PHE D 93 -33.70 0.17 -17.39
CA PHE D 93 -33.21 0.49 -18.74
C PHE D 93 -33.92 -0.37 -19.79
N ILE D 94 -34.19 -1.61 -19.41
CA ILE D 94 -34.81 -2.59 -20.28
C ILE D 94 -36.28 -2.24 -20.64
N HIS D 95 -36.82 -1.21 -19.99
CA HIS D 95 -38.18 -0.69 -20.27
C HIS D 95 -38.21 0.84 -20.36
N ARG D 96 -37.11 1.45 -20.80
CA ARG D 96 -37.07 2.91 -20.92
C ARG D 96 -37.87 3.37 -22.14
N ASN D 97 -38.39 4.59 -22.09
CA ASN D 97 -38.99 5.24 -23.26
C ASN D 97 -38.14 6.42 -23.72
N ALA E 2 -47.69 -13.50 -23.29
CA ALA E 2 -46.47 -13.63 -22.45
C ALA E 2 -46.41 -15.04 -21.84
N ILE E 3 -45.19 -15.48 -21.55
CA ILE E 3 -44.94 -16.79 -20.97
C ILE E 3 -44.90 -16.62 -19.45
N ASP E 4 -45.46 -17.59 -18.71
CA ASP E 4 -45.37 -17.60 -17.25
C ASP E 4 -44.03 -18.23 -16.86
N VAL E 5 -43.16 -17.47 -16.20
CA VAL E 5 -41.83 -17.97 -15.77
C VAL E 5 -41.91 -19.32 -15.05
N LEU E 6 -42.96 -19.53 -14.27
CA LEU E 6 -43.10 -20.76 -13.50
C LEU E 6 -43.46 -21.98 -14.35
N ASP E 7 -43.91 -21.74 -15.59
CA ASP E 7 -44.02 -22.80 -16.59
C ASP E 7 -42.64 -23.18 -17.15
N VAL E 8 -41.66 -22.28 -17.00
CA VAL E 8 -40.30 -22.50 -17.51
C VAL E 8 -39.41 -23.15 -16.44
N ILE E 9 -39.39 -22.57 -15.26
CA ILE E 9 -38.63 -23.09 -14.13
C ILE E 9 -39.60 -23.06 -12.97
N SER E 10 -39.85 -24.21 -12.36
CA SER E 10 -40.84 -24.30 -11.27
C SER E 10 -40.44 -23.46 -10.08
N LEU E 11 -41.40 -23.13 -9.24
CA LEU E 11 -41.12 -22.41 -8.00
C LEU E 11 -40.16 -23.19 -7.09
N SER E 12 -40.38 -24.50 -7.00
CA SER E 12 -39.50 -25.40 -6.28
C SER E 12 -38.03 -25.32 -6.73
N LEU E 13 -37.79 -25.28 -8.04
CA LEU E 13 -36.42 -25.10 -8.56
C LEU E 13 -35.86 -23.73 -8.20
N PHE E 14 -36.72 -22.71 -8.23
CA PHE E 14 -36.28 -21.38 -7.83
C PHE E 14 -35.81 -21.39 -6.37
N LYS E 15 -36.56 -22.04 -5.48
CA LYS E 15 -36.20 -22.10 -4.06
C LYS E 15 -34.93 -22.90 -3.82
N GLN E 16 -34.71 -23.97 -4.57
CA GLN E 16 -33.45 -24.73 -4.54
C GLN E 16 -32.22 -23.92 -5.00
N GLN E 17 -32.38 -23.08 -6.02
CA GLN E 17 -31.30 -22.23 -6.46
C GLN E 17 -30.71 -21.40 -5.29
N ILE E 18 -31.60 -20.84 -4.49
CA ILE E 18 -31.19 -19.98 -3.39
C ILE E 18 -31.20 -20.75 -2.05
N GLU E 19 -31.30 -22.07 -2.13
CA GLU E 19 -31.33 -22.92 -0.95
C GLU E 19 -32.28 -22.39 0.13
N PHE E 20 -33.50 -22.08 -0.29
CA PHE E 20 -34.52 -21.50 0.58
C PHE E 20 -35.57 -22.56 0.91
N GLU E 21 -35.65 -22.95 2.17
CA GLU E 21 -36.47 -24.07 2.60
C GLU E 21 -37.90 -23.66 3.02
N GLU E 22 -38.09 -22.40 3.38
CA GLU E 22 -39.37 -21.90 3.91
C GLU E 22 -40.47 -21.77 2.86
N ASP E 23 -41.73 -21.76 3.30
CA ASP E 23 -42.86 -21.70 2.39
C ASP E 23 -43.67 -20.40 2.53
N ASP E 24 -43.16 -19.47 3.32
CA ASP E 24 -43.89 -18.24 3.63
C ASP E 24 -43.45 -17.01 2.82
N ARG E 25 -42.73 -17.25 1.72
CA ARG E 25 -42.25 -16.18 0.86
C ARG E 25 -42.51 -16.46 -0.60
N ASP E 26 -43.56 -17.22 -0.88
CA ASP E 26 -43.85 -17.65 -2.24
C ASP E 26 -44.17 -16.49 -3.16
N GLU E 27 -44.93 -15.50 -2.68
CA GLU E 27 -45.28 -14.32 -3.48
C GLU E 27 -44.05 -13.48 -3.83
N LEU E 28 -43.19 -13.24 -2.85
CA LEU E 28 -41.97 -12.47 -3.04
C LEU E 28 -41.05 -13.17 -4.04
N ILE E 29 -40.79 -14.46 -3.77
CA ILE E 29 -39.93 -15.24 -4.63
C ILE E 29 -40.48 -15.23 -6.05
N THR E 30 -41.80 -15.38 -6.19
CA THR E 30 -42.44 -15.36 -7.51
C THR E 30 -42.19 -14.04 -8.21
N LEU E 31 -42.26 -12.94 -7.45
CA LEU E 31 -41.99 -11.61 -8.00
C LEU E 31 -40.54 -11.50 -8.52
N TYR E 32 -39.58 -12.00 -7.76
CA TYR E 32 -38.20 -12.01 -8.23
C TYR E 32 -38.03 -12.83 -9.52
N ALA E 33 -38.68 -13.99 -9.56
CA ALA E 33 -38.61 -14.88 -10.73
C ALA E 33 -39.16 -14.18 -11.98
N GLN E 34 -40.34 -13.56 -11.82
CA GLN E 34 -41.00 -12.83 -12.89
C GLN E 34 -40.13 -11.67 -13.36
N ALA E 35 -39.57 -10.93 -12.41
CA ALA E 35 -38.64 -9.84 -12.73
C ALA E 35 -37.39 -10.31 -13.52
N ALA E 36 -36.75 -11.38 -13.05
CA ALA E 36 -35.57 -11.96 -13.72
C ALA E 36 -35.89 -12.46 -15.14
N PHE E 37 -37.03 -13.12 -15.29
CA PHE E 37 -37.50 -13.60 -16.61
C PHE E 37 -37.78 -12.44 -17.55
N ASP E 38 -38.51 -11.45 -17.06
CA ASP E 38 -38.82 -10.27 -17.83
C ASP E 38 -37.54 -9.63 -18.36
N TYR E 39 -36.56 -9.47 -17.46
CA TYR E 39 -35.28 -8.89 -17.77
C TYR E 39 -34.53 -9.71 -18.82
N CYS E 40 -34.46 -11.03 -18.62
CA CYS E 40 -33.70 -11.87 -19.55
C CYS E 40 -34.38 -11.95 -20.93
N ARG E 42 -36.45 -9.54 -22.35
CA ARG E 42 -36.24 -8.27 -23.01
C ARG E 42 -34.81 -8.15 -23.51
N TRP E 43 -33.87 -8.70 -22.74
CA TRP E 43 -32.45 -8.63 -23.09
C TRP E 43 -32.12 -9.44 -24.35
N CYS E 44 -32.62 -10.68 -24.41
CA CYS E 44 -32.37 -11.56 -25.56
C CYS E 44 -33.14 -11.11 -26.80
N ASP E 45 -34.33 -10.53 -26.58
CA ASP E 45 -35.15 -9.94 -27.66
C ASP E 45 -35.43 -10.96 -28.78
N GLU E 46 -35.89 -12.14 -28.38
CA GLU E 46 -36.16 -13.23 -29.32
C GLU E 46 -37.68 -13.50 -29.42
N PRO E 47 -38.36 -12.92 -30.44
CA PRO E 47 -39.80 -13.14 -30.57
C PRO E 47 -40.19 -14.56 -31.01
N ALA E 48 -39.21 -15.33 -31.50
CA ALA E 48 -39.40 -16.75 -31.81
C ALA E 48 -39.83 -17.60 -30.62
N TRP E 49 -39.54 -17.15 -29.40
CA TRP E 49 -39.91 -17.93 -28.23
C TRP E 49 -41.35 -17.63 -27.78
N LYS E 50 -42.26 -18.50 -28.16
CA LYS E 50 -43.69 -18.27 -27.93
C LYS E 50 -44.27 -19.09 -26.78
N VAL E 51 -43.67 -20.24 -26.49
CA VAL E 51 -44.09 -21.03 -25.34
C VAL E 51 -42.94 -21.37 -24.38
N ALA E 52 -43.28 -21.75 -23.15
CA ALA E 52 -42.32 -22.09 -22.11
C ALA E 52 -41.24 -23.03 -22.64
N ALA E 53 -41.66 -23.97 -23.49
CA ALA E 53 -40.77 -25.01 -24.01
C ALA E 53 -39.71 -24.46 -24.97
N ASP E 54 -39.95 -23.28 -25.52
CA ASP E 54 -39.03 -22.64 -26.46
C ASP E 54 -37.77 -22.06 -25.77
N ILE E 55 -37.82 -21.86 -24.46
CA ILE E 55 -36.71 -21.16 -23.80
C ILE E 55 -35.49 -22.08 -23.68
N PRO E 56 -34.36 -21.68 -24.28
CA PRO E 56 -33.17 -22.51 -24.27
C PRO E 56 -32.55 -22.62 -22.89
N ALA E 57 -31.85 -23.74 -22.68
CA ALA E 57 -31.30 -24.09 -21.40
C ALA E 57 -30.34 -23.01 -20.86
N ALA E 58 -29.50 -22.42 -21.73
CA ALA E 58 -28.57 -21.41 -21.27
C ALA E 58 -29.28 -20.15 -20.77
N VAL E 59 -30.43 -19.81 -21.38
CA VAL E 59 -31.24 -18.70 -20.89
C VAL E 59 -31.88 -19.02 -19.54
N LYS E 60 -32.30 -20.27 -19.32
CA LYS E 60 -32.80 -20.67 -18.01
C LYS E 60 -31.73 -20.44 -16.94
N GLY E 61 -30.49 -20.79 -17.26
CA GLY E 61 -29.37 -20.58 -16.33
C GLY E 61 -29.17 -19.11 -15.99
N ALA E 62 -29.23 -18.22 -16.97
CA ALA E 62 -29.13 -16.77 -16.73
C ALA E 62 -30.30 -16.26 -15.84
N VAL E 63 -31.49 -16.79 -16.06
CA VAL E 63 -32.64 -16.40 -15.28
C VAL E 63 -32.44 -16.81 -13.82
N LEU E 64 -31.93 -18.01 -13.59
CA LEU E 64 -31.60 -18.41 -12.20
C LEU E 64 -30.57 -17.50 -11.52
N LEU E 65 -29.53 -17.11 -12.26
CA LEU E 65 -28.49 -16.20 -11.74
C LEU E 65 -29.04 -14.84 -11.42
N VAL E 66 -29.87 -14.31 -12.31
CA VAL E 66 -30.43 -12.97 -12.10
C VAL E 66 -31.45 -13.02 -10.95
N PHE E 67 -32.25 -14.07 -10.93
CA PHE E 67 -33.22 -14.25 -9.88
C PHE E 67 -32.51 -14.26 -8.53
N ALA E 68 -31.44 -15.04 -8.42
CA ALA E 68 -30.79 -15.29 -7.12
C ALA E 68 -30.15 -13.98 -6.63
N ASP E 69 -29.64 -13.20 -7.59
CA ASP E 69 -29.04 -11.90 -7.29
C ASP E 69 -30.07 -10.98 -6.60
N PHE E 71 -32.71 -12.01 -4.93
CA PHE E 71 -33.00 -12.54 -3.61
C PHE E 71 -31.94 -12.13 -2.59
N GLU E 72 -30.68 -12.12 -3.00
CA GLU E 72 -29.59 -11.94 -2.05
C GLU E 72 -29.22 -10.47 -1.91
N HIS E 73 -29.44 -9.68 -2.96
CA HIS E 73 -28.97 -8.29 -2.95
C HIS E 73 -30.15 -7.35 -3.20
N ARG E 74 -30.67 -6.81 -2.08
CA ARG E 74 -32.00 -6.21 -2.09
C ARG E 74 -32.13 -4.70 -2.17
N THR E 75 -30.99 -4.00 -2.18
CA THR E 75 -30.95 -2.54 -2.16
C THR E 75 -30.26 -2.02 -3.42
N ALA E 76 -30.73 -0.89 -3.93
CA ALA E 76 -30.14 -0.18 -5.07
C ALA E 76 -28.72 0.35 -4.81
N GLN E 77 -28.35 0.47 -3.53
CA GLN E 77 -26.97 0.78 -3.13
C GLN E 77 -26.56 -0.14 -1.99
N SER E 78 -25.29 -0.50 -1.98
CA SER E 78 -24.75 -1.34 -0.90
C SER E 78 -23.47 -0.75 -0.34
N GLU E 79 -23.19 -1.11 0.91
CA GLU E 79 -21.97 -0.73 1.60
C GLU E 79 -20.76 -1.55 1.09
N VAL E 80 -21.02 -2.72 0.53
CA VAL E 80 -19.94 -3.50 -0.13
C VAL E 80 -20.12 -3.55 -1.66
N GLN E 81 -19.07 -3.25 -2.41
CA GLN E 81 -19.13 -3.33 -3.86
CA GLN E 81 -19.05 -3.35 -3.86
C GLN E 81 -19.54 -4.72 -4.31
N LEU E 82 -20.36 -4.76 -5.36
CA LEU E 82 -20.75 -6.00 -5.98
C LEU E 82 -19.99 -6.08 -7.31
N TYR E 83 -19.64 -7.29 -7.70
CA TYR E 83 -18.90 -7.53 -8.93
C TYR E 83 -19.76 -8.40 -9.84
N GLU E 84 -19.83 -7.99 -11.10
CA GLU E 84 -20.59 -8.71 -12.10
C GLU E 84 -20.01 -10.12 -12.30
N ASN E 85 -20.87 -11.12 -12.23
CA ASN E 85 -20.51 -12.48 -12.59
C ASN E 85 -20.79 -12.59 -14.08
N ALA E 86 -19.72 -12.81 -14.85
CA ALA E 86 -19.78 -12.80 -16.31
C ALA E 86 -20.62 -13.93 -16.91
N ALA E 87 -20.81 -15.02 -16.16
CA ALA E 87 -21.63 -16.14 -16.62
C ALA E 87 -23.02 -15.73 -17.04
N ALA E 88 -23.66 -14.84 -16.26
CA ALA E 88 -25.05 -14.49 -16.57
C ALA E 88 -25.18 -13.89 -17.98
N GLU E 89 -24.31 -12.92 -18.31
CA GLU E 89 -24.41 -12.28 -19.61
C GLU E 89 -23.85 -13.15 -20.74
N ARG E 90 -22.84 -13.95 -20.45
CA ARG E 90 -22.38 -14.92 -21.46
C ARG E 90 -23.46 -15.98 -21.82
N PHE E 93 -25.96 -13.88 -23.96
CA PHE E 93 -25.33 -13.39 -25.18
C PHE E 93 -25.40 -14.44 -26.26
N ILE E 94 -25.21 -15.69 -25.86
CA ILE E 94 -25.15 -16.81 -26.80
C ILE E 94 -26.52 -17.05 -27.49
N HIS E 95 -27.56 -16.36 -27.01
CA HIS E 95 -28.92 -16.43 -27.55
C HIS E 95 -29.55 -15.07 -27.83
N ARG E 96 -28.73 -14.01 -27.91
CA ARG E 96 -29.27 -12.71 -28.26
C ARG E 96 -29.68 -12.69 -29.74
N ASN E 97 -30.89 -12.19 -29.98
CA ASN E 97 -31.42 -12.03 -31.32
C ASN E 97 -30.73 -10.89 -32.07
N ALA F 2 -31.70 -33.13 -31.45
CA ALA F 2 -30.47 -32.58 -30.82
C ALA F 2 -29.94 -33.53 -29.73
N ILE F 3 -28.76 -33.21 -29.23
CA ILE F 3 -28.06 -34.09 -28.30
C ILE F 3 -28.48 -33.79 -26.86
N ASP F 4 -28.82 -34.86 -26.13
CA ASP F 4 -29.11 -34.80 -24.68
C ASP F 4 -27.78 -34.79 -23.94
N VAL F 5 -27.52 -33.76 -23.13
CA VAL F 5 -26.24 -33.68 -22.39
C VAL F 5 -25.92 -34.97 -21.59
N LEU F 6 -26.96 -35.59 -21.03
CA LEU F 6 -26.79 -36.84 -20.27
C LEU F 6 -26.33 -38.06 -21.10
N ASP F 7 -26.51 -38.02 -22.43
CA ASP F 7 -25.88 -39.00 -23.32
C ASP F 7 -24.36 -38.73 -23.51
N VAL F 8 -23.93 -37.50 -23.21
CA VAL F 8 -22.53 -37.14 -23.38
C VAL F 8 -21.77 -37.37 -22.08
N ILE F 9 -22.35 -36.87 -20.97
CA ILE F 9 -21.78 -36.99 -19.63
C ILE F 9 -22.93 -37.35 -18.71
N SER F 10 -22.78 -38.46 -18.00
CA SER F 10 -23.86 -38.95 -17.21
C SER F 10 -24.04 -38.05 -16.00
N LEU F 11 -25.23 -38.09 -15.41
CA LEU F 11 -25.52 -37.29 -14.22
C LEU F 11 -24.57 -37.63 -13.06
N SER F 12 -24.20 -38.90 -12.92
CA SER F 12 -23.27 -39.26 -11.83
C SER F 12 -21.92 -38.59 -11.99
N LEU F 13 -21.44 -38.41 -13.23
CA LEU F 13 -20.17 -37.70 -13.47
C LEU F 13 -20.27 -36.23 -13.12
N PHE F 14 -21.41 -35.61 -13.46
CA PHE F 14 -21.68 -34.23 -13.05
C PHE F 14 -21.65 -34.10 -11.52
N LYS F 15 -22.27 -35.04 -10.83
CA LYS F 15 -22.28 -35.01 -9.36
C LYS F 15 -20.87 -35.20 -8.80
N GLN F 16 -20.10 -36.10 -9.38
CA GLN F 16 -18.69 -36.27 -8.96
C GLN F 16 -17.82 -35.04 -9.21
N GLN F 17 -18.03 -34.35 -10.34
CA GLN F 17 -17.33 -33.08 -10.64
C GLN F 17 -17.41 -32.07 -9.46
N ILE F 18 -18.59 -31.93 -8.90
CA ILE F 18 -18.80 -31.01 -7.77
C ILE F 18 -18.83 -31.69 -6.41
N GLU F 19 -18.44 -32.97 -6.37
CA GLU F 19 -18.36 -33.75 -5.11
C GLU F 19 -19.65 -33.64 -4.31
N PHE F 20 -20.77 -33.77 -5.01
CA PHE F 20 -22.08 -33.63 -4.42
C PHE F 20 -22.64 -35.02 -4.26
N GLU F 21 -22.94 -35.40 -3.04
CA GLU F 21 -23.33 -36.78 -2.73
C GLU F 21 -24.84 -37.05 -2.56
N GLU F 22 -25.63 -35.99 -2.44
CA GLU F 22 -27.07 -36.11 -2.21
C GLU F 22 -27.89 -36.53 -3.45
N ASP F 23 -29.09 -37.04 -3.20
CA ASP F 23 -29.96 -37.51 -4.27
C ASP F 23 -31.16 -36.58 -4.54
N ASP F 24 -31.21 -35.45 -3.85
CA ASP F 24 -32.40 -34.59 -3.87
C ASP F 24 -32.25 -33.32 -4.71
N ARG F 25 -31.19 -33.23 -5.51
CA ARG F 25 -30.99 -32.08 -6.39
C ARG F 25 -30.76 -32.46 -7.85
N ASP F 26 -31.19 -33.66 -8.28
CA ASP F 26 -30.96 -34.09 -9.67
C ASP F 26 -31.59 -33.18 -10.74
N GLU F 27 -32.78 -32.66 -10.46
CA GLU F 27 -33.45 -31.73 -11.37
C GLU F 27 -32.69 -30.41 -11.53
N LEU F 28 -32.25 -29.84 -10.40
CA LEU F 28 -31.44 -28.62 -10.45
C LEU F 28 -30.12 -28.90 -11.16
N ILE F 29 -29.46 -29.96 -10.75
CA ILE F 29 -28.17 -30.35 -11.36
C ILE F 29 -28.29 -30.55 -12.87
N THR F 30 -29.38 -31.18 -13.32
CA THR F 30 -29.65 -31.37 -14.76
C THR F 30 -29.82 -30.05 -15.49
N LEU F 31 -30.54 -29.12 -14.87
CA LEU F 31 -30.71 -27.78 -15.43
C LEU F 31 -29.35 -27.10 -15.64
N TYR F 32 -28.47 -27.15 -14.63
CA TYR F 32 -27.10 -26.62 -14.79
C TYR F 32 -26.34 -27.32 -15.93
N ALA F 33 -26.42 -28.66 -15.96
CA ALA F 33 -25.75 -29.43 -16.99
C ALA F 33 -26.26 -29.07 -18.39
N GLN F 34 -27.58 -28.96 -18.54
CA GLN F 34 -28.19 -28.59 -19.82
C GLN F 34 -27.77 -27.19 -20.24
N ALA F 35 -27.75 -26.24 -19.30
CA ALA F 35 -27.26 -24.88 -19.57
C ALA F 35 -25.80 -24.88 -20.01
N ALA F 36 -24.94 -25.60 -19.28
CA ALA F 36 -23.50 -25.66 -19.63
C ALA F 36 -23.28 -26.23 -21.02
N PHE F 37 -23.98 -27.32 -21.33
CA PHE F 37 -23.90 -27.97 -22.63
C PHE F 37 -24.39 -27.07 -23.77
N ASP F 38 -25.53 -26.41 -23.55
CA ASP F 38 -26.06 -25.48 -24.54
C ASP F 38 -25.04 -24.35 -24.78
N TYR F 39 -24.51 -23.79 -23.69
CA TYR F 39 -23.53 -22.72 -23.82
C TYR F 39 -22.33 -23.18 -24.67
N CYS F 40 -21.74 -24.31 -24.29
CA CYS F 40 -20.52 -24.79 -24.94
C CYS F 40 -20.76 -25.18 -26.40
N ARG F 42 -23.09 -23.99 -28.47
CA ARG F 42 -23.28 -22.79 -29.28
C ARG F 42 -21.99 -22.04 -29.51
N TRP F 43 -21.15 -22.00 -28.47
CA TRP F 43 -19.83 -21.40 -28.55
C TRP F 43 -18.91 -22.07 -29.60
N CYS F 44 -18.84 -23.41 -29.62
CA CYS F 44 -18.02 -24.13 -30.58
C CYS F 44 -18.67 -24.11 -31.96
N ASP F 45 -19.99 -24.17 -31.97
CA ASP F 45 -20.80 -24.06 -33.17
C ASP F 45 -20.31 -25.05 -34.24
N GLU F 46 -20.19 -26.32 -33.86
CA GLU F 46 -19.71 -27.39 -34.74
C GLU F 46 -20.83 -28.36 -35.12
N PRO F 47 -21.48 -28.13 -36.28
CA PRO F 47 -22.61 -28.97 -36.65
C PRO F 47 -22.19 -30.39 -37.07
N ALA F 48 -20.90 -30.65 -37.23
CA ALA F 48 -20.44 -32.02 -37.49
C ALA F 48 -20.62 -32.98 -36.30
N TRP F 49 -20.83 -32.45 -35.08
CA TRP F 49 -21.15 -33.29 -33.95
C TRP F 49 -22.65 -33.59 -33.96
N LYS F 50 -23.00 -34.73 -34.52
CA LYS F 50 -24.38 -35.09 -34.76
C LYS F 50 -24.96 -35.87 -33.62
N VAL F 51 -24.15 -36.76 -33.04
CA VAL F 51 -24.57 -37.56 -31.89
C VAL F 51 -23.61 -37.38 -30.71
N ALA F 52 -24.03 -37.88 -29.55
CA ALA F 52 -23.27 -37.75 -28.31
C ALA F 52 -21.82 -38.22 -28.39
N ALA F 53 -21.59 -39.36 -29.04
CA ALA F 53 -20.24 -39.91 -29.20
C ALA F 53 -19.30 -39.06 -30.07
N ASP F 54 -19.86 -38.10 -30.82
CA ASP F 54 -19.06 -37.14 -31.60
C ASP F 54 -18.36 -36.03 -30.77
N ILE F 55 -18.90 -35.74 -29.59
CA ILE F 55 -18.34 -34.66 -28.76
C ILE F 55 -16.91 -35.01 -28.29
N PRO F 56 -15.91 -34.17 -28.63
CA PRO F 56 -14.50 -34.42 -28.26
C PRO F 56 -14.31 -34.32 -26.76
N ALA F 57 -13.36 -35.09 -26.25
CA ALA F 57 -13.05 -35.13 -24.84
C ALA F 57 -12.75 -33.74 -24.25
N ALA F 58 -12.09 -32.85 -25.00
CA ALA F 58 -11.71 -31.55 -24.44
C ALA F 58 -12.95 -30.69 -24.25
N VAL F 59 -13.94 -30.84 -25.13
CA VAL F 59 -15.24 -30.14 -24.95
C VAL F 59 -16.00 -30.67 -23.71
N LYS F 60 -15.94 -31.97 -23.45
CA LYS F 60 -16.58 -32.53 -22.24
C LYS F 60 -15.95 -31.89 -20.98
N GLY F 61 -14.63 -31.76 -21.01
CA GLY F 61 -13.92 -31.05 -19.94
C GLY F 61 -14.45 -29.63 -19.74
N ALA F 62 -14.61 -28.89 -20.81
CA ALA F 62 -15.14 -27.53 -20.70
C ALA F 62 -16.57 -27.54 -20.14
N VAL F 63 -17.38 -28.49 -20.61
CA VAL F 63 -18.78 -28.56 -20.12
C VAL F 63 -18.80 -28.76 -18.60
N LEU F 64 -17.92 -29.61 -18.09
CA LEU F 64 -17.88 -29.85 -16.62
C LEU F 64 -17.49 -28.63 -15.84
N LEU F 65 -16.54 -27.86 -16.39
CA LEU F 65 -16.10 -26.64 -15.71
C LEU F 65 -17.21 -25.57 -15.65
N VAL F 66 -17.94 -25.42 -16.75
CA VAL F 66 -18.99 -24.41 -16.86
C VAL F 66 -20.14 -24.81 -15.95
N PHE F 67 -20.45 -26.11 -15.95
CA PHE F 67 -21.46 -26.68 -15.09
C PHE F 67 -21.15 -26.46 -13.59
N ALA F 68 -19.94 -26.82 -13.17
CA ALA F 68 -19.54 -26.67 -11.77
C ALA F 68 -19.59 -25.19 -11.35
N ASP F 69 -19.22 -24.29 -12.25
CA ASP F 69 -19.35 -22.86 -11.99
C ASP F 69 -20.78 -22.42 -11.63
N PHE F 71 -23.06 -24.34 -10.47
CA PHE F 71 -23.40 -24.97 -9.22
C PHE F 71 -22.88 -24.21 -8.00
N GLU F 72 -21.64 -23.71 -8.12
CA GLU F 72 -20.95 -23.00 -7.01
C GLU F 72 -21.28 -21.52 -6.91
N HIS F 73 -21.60 -20.89 -8.03
CA HIS F 73 -21.73 -19.44 -8.07
C HIS F 73 -23.12 -19.14 -8.64
N ARG F 74 -24.04 -18.93 -7.71
CA ARG F 74 -25.49 -18.95 -7.98
C ARG F 74 -26.08 -17.59 -8.30
N THR F 75 -25.30 -16.50 -8.17
CA THR F 75 -25.87 -15.15 -8.36
C THR F 75 -25.21 -14.38 -9.49
N ALA F 76 -25.98 -13.49 -10.14
CA ALA F 76 -25.47 -12.69 -11.27
C ALA F 76 -24.48 -11.61 -10.86
N GLN F 77 -24.46 -11.26 -9.57
CA GLN F 77 -23.44 -10.42 -8.97
C GLN F 77 -22.97 -11.05 -7.67
N SER F 78 -21.72 -10.80 -7.31
CA SER F 78 -21.25 -11.23 -6.01
C SER F 78 -20.37 -10.20 -5.35
N GLU F 79 -20.22 -10.37 -4.05
CA GLU F 79 -19.41 -9.52 -3.19
C GLU F 79 -17.92 -9.82 -3.37
N VAL F 80 -17.61 -11.05 -3.74
CA VAL F 80 -16.24 -11.47 -4.00
C VAL F 80 -15.99 -11.57 -5.51
N GLN F 81 -14.92 -10.95 -5.98
CA GLN F 81 -14.58 -10.94 -7.38
C GLN F 81 -14.31 -12.40 -7.83
N LEU F 82 -14.82 -12.74 -9.01
CA LEU F 82 -14.54 -14.04 -9.58
C LEU F 82 -13.55 -13.86 -10.71
N TYR F 83 -12.66 -14.83 -10.85
CA TYR F 83 -11.64 -14.82 -11.88
C TYR F 83 -11.90 -15.98 -12.84
N GLU F 84 -11.81 -15.67 -14.13
CA GLU F 84 -11.95 -16.65 -15.19
C GLU F 84 -10.83 -17.69 -15.09
N ASN F 85 -11.24 -18.96 -15.04
CA ASN F 85 -10.31 -20.08 -15.16
C ASN F 85 -10.12 -20.31 -16.65
N ALA F 86 -8.90 -20.08 -17.13
CA ALA F 86 -8.59 -20.07 -18.56
C ALA F 86 -8.78 -21.43 -19.28
N ALA F 87 -8.71 -22.52 -18.51
CA ALA F 87 -8.92 -23.89 -19.02
C ALA F 87 -10.24 -24.07 -19.79
N ALA F 88 -11.33 -23.43 -19.34
CA ALA F 88 -12.64 -23.61 -20.02
C ALA F 88 -12.56 -23.13 -21.46
N GLU F 89 -12.17 -21.87 -21.66
CA GLU F 89 -12.11 -21.32 -23.00
C GLU F 89 -11.08 -22.02 -23.89
N ARG F 90 -9.92 -22.35 -23.34
CA ARG F 90 -8.90 -23.04 -24.10
C ARG F 90 -9.32 -24.45 -24.53
N PHE F 93 -11.75 -23.65 -27.40
CA PHE F 93 -11.11 -22.97 -28.52
C PHE F 93 -10.56 -23.95 -29.55
N ILE F 94 -9.85 -24.97 -29.10
CA ILE F 94 -9.19 -25.91 -30.02
C ILE F 94 -10.19 -26.74 -30.86
N HIS F 95 -11.48 -26.57 -30.59
CA HIS F 95 -12.54 -27.28 -31.32
C HIS F 95 -13.65 -26.33 -31.84
N ARG F 96 -13.35 -25.04 -31.90
CA ARG F 96 -14.27 -24.05 -32.45
C ARG F 96 -14.30 -24.13 -33.97
N ASN F 97 -15.52 -24.05 -34.52
CA ASN F 97 -15.75 -24.00 -35.96
C ASN F 97 -15.61 -22.57 -36.51
N ALA G 2 -7.77 -43.69 -33.62
CA ALA G 2 -7.27 -42.65 -32.69
C ALA G 2 -6.58 -43.33 -31.51
N ILE G 3 -5.71 -42.58 -30.82
CA ILE G 3 -4.91 -43.10 -29.71
C ILE G 3 -5.69 -43.02 -28.40
N ASP G 4 -5.66 -44.11 -27.64
CA ASP G 4 -6.25 -44.15 -26.33
C ASP G 4 -5.22 -43.62 -25.31
N VAL G 5 -5.58 -42.54 -24.59
CA VAL G 5 -4.64 -41.92 -23.64
C VAL G 5 -4.07 -42.93 -22.62
N LEU G 6 -4.88 -43.89 -22.18
CA LEU G 6 -4.43 -44.90 -21.22
C LEU G 6 -3.37 -45.88 -21.78
N ASP G 7 -3.18 -45.92 -23.10
CA ASP G 7 -2.09 -46.70 -23.70
C ASP G 7 -0.81 -45.91 -23.70
N VAL G 8 -0.93 -44.60 -23.53
CA VAL G 8 0.19 -43.66 -23.48
C VAL G 8 0.65 -43.50 -22.00
N ILE G 9 -0.29 -43.19 -21.10
CA ILE G 9 -0.01 -43.09 -19.68
C ILE G 9 -1.06 -43.87 -18.95
N SER G 10 -0.64 -44.84 -18.15
CA SER G 10 -1.60 -45.69 -17.45
C SER G 10 -2.45 -44.91 -16.44
N LEU G 11 -3.62 -45.44 -16.15
CA LEU G 11 -4.50 -44.85 -15.13
C LEU G 11 -3.81 -44.76 -13.77
N SER G 12 -3.06 -45.80 -13.44
CA SER G 12 -2.23 -45.83 -12.24
C SER G 12 -1.28 -44.63 -12.17
N LEU G 13 -0.62 -44.31 -13.28
CA LEU G 13 0.25 -43.14 -13.32
C LEU G 13 -0.49 -41.81 -13.18
N PHE G 14 -1.63 -41.67 -13.86
CA PHE G 14 -2.46 -40.46 -13.68
C PHE G 14 -2.81 -40.24 -12.21
N LYS G 15 -3.19 -41.32 -11.52
CA LYS G 15 -3.54 -41.24 -10.11
C LYS G 15 -2.37 -40.85 -9.22
N GLN G 16 -1.18 -41.33 -9.56
CA GLN G 16 0.03 -40.93 -8.84
C GLN G 16 0.36 -39.45 -9.08
N GLN G 17 0.08 -38.94 -10.29
CA GLN G 17 0.31 -37.52 -10.58
C GLN G 17 -0.44 -36.66 -9.57
N ILE G 18 -1.69 -37.04 -9.29
CA ILE G 18 -2.50 -36.28 -8.37
C ILE G 18 -2.50 -36.83 -6.93
N GLU G 19 -1.66 -37.82 -6.65
CA GLU G 19 -1.57 -38.44 -5.31
C GLU G 19 -2.95 -38.87 -4.82
N PHE G 20 -3.66 -39.60 -5.67
CA PHE G 20 -5.04 -40.01 -5.38
C PHE G 20 -5.08 -41.54 -5.30
N GLU G 21 -5.32 -42.07 -4.12
CA GLU G 21 -5.25 -43.53 -3.90
C GLU G 21 -6.56 -44.31 -4.07
N GLU G 22 -7.69 -43.63 -3.88
CA GLU G 22 -9.01 -44.27 -3.96
C GLU G 22 -9.34 -44.72 -5.37
N ASP G 23 -10.20 -45.73 -5.48
CA ASP G 23 -10.54 -46.34 -6.76
C ASP G 23 -11.96 -46.02 -7.21
N ASP G 24 -12.68 -45.24 -6.41
CA ASP G 24 -14.06 -44.89 -6.72
C ASP G 24 -14.27 -43.69 -7.68
N ARG G 25 -13.19 -43.22 -8.31
CA ARG G 25 -13.30 -42.09 -9.23
C ARG G 25 -12.64 -42.35 -10.58
N ASP G 26 -12.53 -43.61 -10.95
CA ASP G 26 -11.80 -44.03 -12.16
C ASP G 26 -12.41 -43.45 -13.44
N GLU G 27 -13.73 -43.43 -13.51
CA GLU G 27 -14.43 -42.88 -14.67
C GLU G 27 -14.23 -41.36 -14.82
N LEU G 28 -14.39 -40.61 -13.73
CA LEU G 28 -14.08 -39.18 -13.76
C LEU G 28 -12.63 -38.90 -14.14
N ILE G 29 -11.70 -39.56 -13.44
CA ILE G 29 -10.26 -39.41 -13.72
C ILE G 29 -9.93 -39.73 -15.18
N THR G 30 -10.49 -40.82 -15.69
CA THR G 30 -10.36 -41.19 -17.10
C THR G 30 -10.84 -40.09 -18.05
N LEU G 31 -11.96 -39.43 -17.69
CA LEU G 31 -12.48 -38.33 -18.49
C LEU G 31 -11.52 -37.14 -18.53
N TYR G 32 -10.92 -36.82 -17.38
CA TYR G 32 -9.94 -35.75 -17.32
C TYR G 32 -8.71 -36.08 -18.17
N ALA G 33 -8.27 -37.32 -18.09
CA ALA G 33 -7.11 -37.81 -18.83
C ALA G 33 -7.36 -37.70 -20.33
N GLN G 34 -8.57 -38.11 -20.75
CA GLN G 34 -8.95 -38.06 -22.16
C GLN G 34 -9.03 -36.61 -22.64
N ALA G 35 -9.59 -35.74 -21.80
CA ALA G 35 -9.71 -34.32 -22.12
C ALA G 35 -8.34 -33.68 -22.25
N ALA G 36 -7.43 -34.00 -21.33
CA ALA G 36 -6.08 -33.43 -21.36
C ALA G 36 -5.31 -33.89 -22.59
N PHE G 37 -5.46 -35.17 -22.92
CA PHE G 37 -4.78 -35.74 -24.06
C PHE G 37 -5.31 -35.14 -25.35
N ASP G 38 -6.63 -35.11 -25.49
CA ASP G 38 -7.30 -34.50 -26.64
C ASP G 38 -6.80 -33.06 -26.84
N TYR G 39 -6.75 -32.30 -25.76
CA TYR G 39 -6.29 -30.91 -25.81
C TYR G 39 -4.84 -30.82 -26.28
N CYS G 40 -3.95 -31.59 -25.65
CA CYS G 40 -2.53 -31.52 -26.02
C CYS G 40 -2.26 -31.97 -27.46
N ARG G 42 -4.50 -31.84 -30.08
CA ARG G 42 -5.00 -30.82 -30.99
C ARG G 42 -4.01 -29.66 -31.05
N TRP G 43 -3.50 -29.28 -29.88
CA TRP G 43 -2.58 -28.16 -29.77
C TRP G 43 -1.28 -28.39 -30.51
N CYS G 44 -0.68 -29.57 -30.32
CA CYS G 44 0.53 -29.98 -31.06
C CYS G 44 0.26 -30.21 -32.55
N ASP G 45 -0.91 -30.79 -32.86
CA ASP G 45 -1.39 -30.93 -34.24
C ASP G 45 -0.36 -31.68 -35.13
N GLU G 46 0.12 -32.81 -34.62
CA GLU G 46 1.16 -33.61 -35.28
C GLU G 46 0.61 -34.92 -35.85
N PRO G 47 0.36 -34.95 -37.18
CA PRO G 47 -0.25 -36.12 -37.86
C PRO G 47 0.59 -37.40 -37.80
N ALA G 48 1.92 -37.27 -37.74
CA ALA G 48 2.82 -38.43 -37.70
C ALA G 48 2.82 -39.22 -36.38
N TRP G 49 2.05 -38.80 -35.39
CA TRP G 49 1.91 -39.61 -34.17
C TRP G 49 0.72 -40.54 -34.32
N LYS G 50 0.99 -41.73 -34.85
CA LYS G 50 -0.06 -42.68 -35.23
C LYS G 50 -0.47 -43.63 -34.12
N VAL G 51 0.52 -44.06 -33.34
CA VAL G 51 0.32 -44.98 -32.21
C VAL G 51 0.83 -44.38 -30.87
N ALA G 52 0.37 -44.97 -29.76
CA ALA G 52 0.71 -44.51 -28.40
C ALA G 52 2.21 -44.34 -28.17
N ALA G 53 2.98 -45.28 -28.71
CA ALA G 53 4.45 -45.28 -28.59
C ALA G 53 5.11 -44.11 -29.34
N ASP G 54 4.37 -43.46 -30.22
CA ASP G 54 4.90 -42.28 -30.93
C ASP G 54 4.96 -41.01 -30.06
N ILE G 55 4.15 -40.93 -29.01
CA ILE G 55 4.05 -39.69 -28.22
C ILE G 55 5.33 -39.39 -27.45
N PRO G 56 5.94 -38.21 -27.68
CA PRO G 56 7.16 -37.86 -26.98
C PRO G 56 6.98 -37.65 -25.48
N ALA G 57 8.06 -37.86 -24.74
CA ALA G 57 8.06 -37.68 -23.30
C ALA G 57 7.63 -36.26 -22.87
N ALA G 58 8.08 -35.21 -23.58
CA ALA G 58 7.72 -33.85 -23.15
C ALA G 58 6.20 -33.65 -23.26
N VAL G 59 5.60 -34.22 -24.31
CA VAL G 59 4.15 -34.12 -24.49
C VAL G 59 3.45 -34.92 -23.39
N LYS G 60 3.98 -36.07 -23.02
CA LYS G 60 3.42 -36.79 -21.90
C LYS G 60 3.44 -35.92 -20.62
N GLY G 61 4.53 -35.19 -20.41
CA GLY G 61 4.66 -34.24 -19.32
C GLY G 61 3.58 -33.18 -19.34
N ALA G 62 3.30 -32.61 -20.51
CA ALA G 62 2.21 -31.63 -20.62
C ALA G 62 0.83 -32.22 -20.31
N VAL G 63 0.53 -33.42 -20.80
CA VAL G 63 -0.75 -34.04 -20.54
C VAL G 63 -0.97 -34.23 -19.03
N LEU G 64 0.08 -34.66 -18.34
CA LEU G 64 0.02 -34.82 -16.89
C LEU G 64 -0.32 -33.50 -16.21
N LEU G 65 0.25 -32.39 -16.70
CA LEU G 65 0.00 -31.10 -16.07
C LEU G 65 -1.42 -30.60 -16.33
N VAL G 66 -1.87 -30.80 -17.56
CA VAL G 66 -3.21 -30.37 -17.94
C VAL G 66 -4.24 -31.22 -17.17
N PHE G 67 -3.99 -32.53 -17.10
CA PHE G 67 -4.87 -33.48 -16.39
C PHE G 67 -4.99 -33.08 -14.91
N ALA G 68 -3.86 -32.85 -14.25
CA ALA G 68 -3.90 -32.53 -12.82
C ALA G 68 -4.63 -31.18 -12.62
N ASP G 69 -4.47 -30.23 -13.54
CA ASP G 69 -5.21 -28.97 -13.40
C ASP G 69 -6.73 -29.20 -13.38
N PHE G 71 -8.26 -31.93 -12.49
CA PHE G 71 -8.60 -32.61 -11.26
C PHE G 71 -8.70 -31.66 -10.05
N GLU G 72 -7.80 -30.68 -9.99
CA GLU G 72 -7.71 -29.76 -8.88
C GLU G 72 -8.62 -28.55 -8.99
N HIS G 73 -8.88 -28.08 -10.22
CA HIS G 73 -9.61 -26.84 -10.41
C HIS G 73 -10.85 -27.14 -11.27
N ARG G 74 -11.99 -27.24 -10.59
CA ARG G 74 -13.21 -27.84 -11.11
C ARG G 74 -14.19 -26.83 -11.72
N THR G 75 -13.98 -25.51 -11.53
CA THR G 75 -14.97 -24.50 -11.95
C THR G 75 -14.39 -23.56 -13.00
N ALA G 76 -15.21 -23.13 -13.95
CA ALA G 76 -14.81 -22.21 -15.01
C ALA G 76 -14.47 -20.80 -14.48
N GLN G 77 -15.00 -20.46 -13.31
CA GLN G 77 -14.60 -19.24 -12.59
C GLN G 77 -14.22 -19.62 -11.17
N SER G 78 -13.21 -18.95 -10.63
CA SER G 78 -12.92 -19.16 -9.21
C SER G 78 -12.79 -17.87 -8.41
N GLU G 79 -12.97 -18.02 -7.10
CA GLU G 79 -12.77 -16.96 -6.14
C GLU G 79 -11.28 -16.65 -5.96
N VAL G 80 -10.41 -17.64 -6.12
CA VAL G 80 -8.96 -17.37 -6.08
C VAL G 80 -8.35 -17.34 -7.48
N GLN G 81 -7.57 -16.32 -7.78
CA GLN G 81 -6.91 -16.18 -9.09
C GLN G 81 -6.02 -17.40 -9.36
N LEU G 82 -6.03 -17.87 -10.59
CA LEU G 82 -5.13 -18.94 -10.99
C LEU G 82 -4.04 -18.33 -11.86
N TYR G 83 -2.81 -18.82 -11.68
CA TYR G 83 -1.66 -18.39 -12.47
C TYR G 83 -1.19 -19.53 -13.38
N GLU G 84 -0.93 -19.19 -14.63
CA GLU G 84 -0.47 -20.18 -15.58
C GLU G 84 0.88 -20.73 -15.13
N ASN G 85 1.03 -22.06 -15.17
CA ASN G 85 2.33 -22.70 -15.01
C ASN G 85 2.91 -22.88 -16.42
N ALA G 86 4.01 -22.17 -16.69
CA ALA G 86 4.65 -22.09 -18.01
C ALA G 86 5.11 -23.42 -18.57
N ALA G 87 5.42 -24.38 -17.69
CA ALA G 87 5.93 -25.68 -18.10
C ALA G 87 5.02 -26.42 -19.10
N ALA G 88 3.70 -26.28 -18.96
CA ALA G 88 2.76 -26.99 -19.83
C ALA G 88 2.88 -26.57 -21.30
N GLU G 89 2.73 -25.27 -21.59
CA GLU G 89 2.90 -24.78 -22.98
C GLU G 89 4.31 -24.99 -23.52
N ARG G 90 5.33 -24.81 -22.68
CA ARG G 90 6.71 -25.03 -23.09
C ARG G 90 6.98 -26.48 -23.47
N PHE G 93 5.29 -26.82 -26.89
CA PHE G 93 5.77 -25.94 -27.96
C PHE G 93 6.87 -26.62 -28.77
N ILE G 94 7.75 -27.33 -28.07
CA ILE G 94 8.89 -27.99 -28.69
C ILE G 94 8.50 -29.23 -29.53
N HIS G 95 7.22 -29.60 -29.49
CA HIS G 95 6.68 -30.68 -30.32
C HIS G 95 5.48 -30.24 -31.16
N ARG G 96 5.37 -28.94 -31.34
CA ARG G 96 4.29 -28.35 -32.13
C ARG G 96 4.59 -28.49 -33.63
N ASN G 97 3.60 -28.97 -34.37
CA ASN G 97 3.65 -28.96 -35.82
C ASN G 97 3.25 -27.57 -36.30
N TRP G 98 4.18 -26.88 -36.96
CA TRP G 98 3.98 -25.52 -37.44
C TRP G 98 3.64 -25.50 -38.93
N ALA H 2 17.90 -43.00 -29.99
CA ALA H 2 17.80 -41.90 -28.98
C ALA H 2 18.55 -42.26 -27.70
N ILE H 3 18.85 -41.25 -26.91
CA ILE H 3 19.59 -41.39 -25.67
C ILE H 3 18.59 -41.60 -24.54
N ASP H 4 18.86 -42.58 -23.70
CA ASP H 4 18.01 -42.87 -22.51
C ASP H 4 18.52 -41.94 -21.42
N VAL H 5 17.65 -41.10 -20.90
CA VAL H 5 18.02 -40.14 -19.84
C VAL H 5 18.73 -40.83 -18.64
N LEU H 6 18.31 -42.04 -18.30
CA LEU H 6 18.92 -42.80 -17.18
C LEU H 6 20.35 -43.25 -17.44
N ASP H 7 20.81 -43.14 -18.69
CA ASP H 7 22.22 -43.34 -19.04
C ASP H 7 23.05 -42.05 -18.88
N VAL H 8 22.36 -40.91 -18.78
CA VAL H 8 22.98 -39.58 -18.64
C VAL H 8 23.06 -39.19 -17.15
N ILE H 9 21.92 -39.34 -16.47
CA ILE H 9 21.81 -39.10 -15.04
C ILE H 9 21.09 -40.32 -14.45
N SER H 10 21.72 -40.97 -13.46
CA SER H 10 21.11 -42.17 -12.86
C SER H 10 19.80 -41.90 -12.13
N LEU H 11 18.94 -42.91 -12.07
CA LEU H 11 17.70 -42.81 -11.31
C LEU H 11 17.97 -42.38 -9.86
N SER H 12 18.99 -42.95 -9.23
CA SER H 12 19.34 -42.55 -7.84
C SER H 12 19.60 -41.05 -7.69
N LEU H 13 20.30 -40.46 -8.64
CA LEU H 13 20.62 -39.04 -8.64
C LEU H 13 19.36 -38.17 -8.79
N PHE H 14 18.45 -38.55 -9.68
CA PHE H 14 17.16 -37.87 -9.82
C PHE H 14 16.42 -37.85 -8.51
N LYS H 15 16.40 -38.98 -7.81
CA LYS H 15 15.72 -39.04 -6.51
C LYS H 15 16.40 -38.15 -5.49
N GLN H 16 17.73 -38.04 -5.57
CA GLN H 16 18.46 -37.17 -4.64
C GLN H 16 18.11 -35.70 -4.87
N GLN H 17 17.98 -35.29 -6.14
CA GLN H 17 17.55 -33.93 -6.54
C GLN H 17 16.27 -33.51 -5.82
N ILE H 18 15.31 -34.41 -5.73
CA ILE H 18 14.04 -34.08 -5.13
C ILE H 18 13.96 -34.64 -3.70
N GLU H 19 15.09 -35.08 -3.15
CA GLU H 19 15.14 -35.60 -1.77
C GLU H 19 14.05 -36.66 -1.50
N PHE H 20 13.97 -37.67 -2.37
CA PHE H 20 12.89 -38.66 -2.35
C PHE H 20 13.58 -40.01 -2.19
N GLU H 21 13.36 -40.65 -1.04
CA GLU H 21 14.16 -41.80 -0.62
C GLU H 21 13.52 -43.13 -0.96
N GLU H 22 12.22 -43.11 -1.22
CA GLU H 22 11.47 -44.34 -1.44
C GLU H 22 11.59 -44.77 -2.90
N ASP H 23 11.30 -46.05 -3.11
CA ASP H 23 11.42 -46.67 -4.42
C ASP H 23 10.03 -46.94 -5.05
N ASP H 24 8.96 -46.49 -4.40
CA ASP H 24 7.63 -46.77 -4.93
C ASP H 24 7.05 -45.77 -5.98
N ARG H 25 7.85 -44.79 -6.38
CA ARG H 25 7.46 -43.90 -7.52
C ARG H 25 8.47 -43.87 -8.65
N ASP H 26 9.20 -44.96 -8.84
CA ASP H 26 10.22 -45.02 -9.88
C ASP H 26 9.64 -44.73 -11.27
N GLU H 27 8.44 -45.24 -11.55
CA GLU H 27 7.86 -45.11 -12.89
C GLU H 27 7.43 -43.67 -13.16
N LEU H 28 6.77 -43.05 -12.19
CA LEU H 28 6.43 -41.64 -12.32
C LEU H 28 7.68 -40.74 -12.41
N ILE H 29 8.63 -40.99 -11.55
CA ILE H 29 9.88 -40.25 -11.54
C ILE H 29 10.60 -40.37 -12.88
N THR H 30 10.63 -41.59 -13.42
CA THR H 30 11.25 -41.81 -14.71
C THR H 30 10.56 -41.04 -15.83
N LEU H 31 9.24 -40.98 -15.77
CA LEU H 31 8.49 -40.19 -16.77
C LEU H 31 8.87 -38.70 -16.69
N TYR H 32 8.96 -38.18 -15.46
CA TYR H 32 9.40 -36.76 -15.31
C TYR H 32 10.82 -36.58 -15.86
N ALA H 33 11.70 -37.53 -15.55
CA ALA H 33 13.07 -37.44 -16.04
C ALA H 33 13.13 -37.45 -17.57
N GLN H 34 12.34 -38.32 -18.20
CA GLN H 34 12.29 -38.44 -19.67
C GLN H 34 11.72 -37.14 -20.33
N ALA H 35 10.65 -36.61 -19.74
CA ALA H 35 10.05 -35.36 -20.16
C ALA H 35 11.06 -34.22 -20.06
N ALA H 36 11.78 -34.14 -18.94
CA ALA H 36 12.77 -33.07 -18.76
C ALA H 36 13.90 -33.14 -19.80
N PHE H 37 14.44 -34.35 -19.97
CA PHE H 37 15.51 -34.60 -20.92
C PHE H 37 15.06 -34.27 -22.35
N ASP H 38 13.88 -34.76 -22.73
CA ASP H 38 13.31 -34.49 -24.06
C ASP H 38 13.15 -32.97 -24.29
N TYR H 39 12.62 -32.27 -23.29
CA TYR H 39 12.49 -30.81 -23.36
C TYR H 39 13.85 -30.13 -23.59
N CYS H 40 14.83 -30.47 -22.76
CA CYS H 40 16.14 -29.81 -22.84
C CYS H 40 16.90 -30.11 -24.12
N ARG H 42 15.54 -30.89 -27.13
CA ARG H 42 14.89 -30.17 -28.23
C ARG H 42 15.21 -28.68 -28.15
N TRP H 43 15.21 -28.12 -26.94
CA TRP H 43 15.57 -26.72 -26.76
C TRP H 43 17.02 -26.45 -27.19
N CYS H 44 17.96 -27.30 -26.77
CA CYS H 44 19.34 -27.15 -27.23
C CYS H 44 19.50 -27.45 -28.72
N ASP H 45 18.74 -28.41 -29.24
CA ASP H 45 18.74 -28.75 -30.67
C ASP H 45 20.18 -28.94 -31.20
N GLU H 46 20.91 -29.88 -30.59
CA GLU H 46 22.29 -30.14 -30.96
C GLU H 46 22.46 -31.54 -31.58
N PRO H 47 22.37 -31.64 -32.93
CA PRO H 47 22.32 -32.95 -33.61
C PRO H 47 23.60 -33.79 -33.40
N ALA H 48 24.69 -33.12 -33.03
CA ALA H 48 26.00 -33.74 -32.81
C ALA H 48 26.10 -34.68 -31.60
N TRP H 49 25.29 -34.45 -30.58
CA TRP H 49 25.32 -35.29 -29.37
C TRP H 49 24.65 -36.62 -29.68
N LYS H 50 25.46 -37.67 -29.84
CA LYS H 50 24.94 -38.95 -30.31
C LYS H 50 24.72 -39.92 -29.16
N VAL H 51 25.53 -39.75 -28.12
CA VAL H 51 25.54 -40.67 -26.99
C VAL H 51 25.47 -39.92 -25.64
N ALA H 52 25.10 -40.66 -24.58
CA ALA H 52 24.96 -40.14 -23.22
C ALA H 52 26.16 -39.32 -22.78
N ALA H 53 27.35 -39.81 -23.10
CA ALA H 53 28.58 -39.16 -22.70
C ALA H 53 28.81 -37.83 -23.43
N ASP H 54 28.06 -37.58 -24.50
CA ASP H 54 28.18 -36.30 -25.22
C ASP H 54 27.50 -35.11 -24.49
N ILE H 55 26.59 -35.39 -23.54
CA ILE H 55 25.77 -34.31 -22.95
C ILE H 55 26.58 -33.48 -21.94
N PRO H 56 26.74 -32.17 -22.17
CA PRO H 56 27.54 -31.34 -21.25
C PRO H 56 26.95 -31.22 -19.83
N ALA H 57 27.83 -31.00 -18.87
CA ALA H 57 27.45 -30.97 -17.48
C ALA H 57 26.41 -29.89 -17.23
N ALA H 58 26.54 -28.74 -17.89
CA ALA H 58 25.60 -27.63 -17.66
C ALA H 58 24.19 -28.01 -18.11
N VAL H 59 24.07 -28.77 -19.19
CA VAL H 59 22.77 -29.28 -19.68
C VAL H 59 22.19 -30.28 -18.70
N LYS H 60 23.03 -31.09 -18.09
CA LYS H 60 22.60 -32.00 -17.07
C LYS H 60 22.00 -31.25 -15.88
N GLY H 61 22.62 -30.13 -15.49
CA GLY H 61 22.06 -29.30 -14.42
C GLY H 61 20.67 -28.75 -14.78
N ALA H 62 20.51 -28.29 -16.02
CA ALA H 62 19.19 -27.79 -16.47
C ALA H 62 18.17 -28.92 -16.48
N VAL H 63 18.60 -30.13 -16.86
CA VAL H 63 17.67 -31.26 -16.84
C VAL H 63 17.17 -31.48 -15.42
N LEU H 64 18.07 -31.44 -14.43
CA LEU H 64 17.66 -31.67 -13.04
C LEU H 64 16.67 -30.60 -12.55
N LEU H 65 16.86 -29.35 -12.99
CA LEU H 65 15.96 -28.24 -12.62
C LEU H 65 14.57 -28.44 -13.23
N VAL H 66 14.53 -28.81 -14.51
CA VAL H 66 13.25 -29.01 -15.20
C VAL H 66 12.52 -30.20 -14.58
N PHE H 67 13.27 -31.26 -14.30
CA PHE H 67 12.71 -32.47 -13.72
C PHE H 67 12.08 -32.20 -12.33
N ALA H 68 12.84 -31.50 -11.50
CA ALA H 68 12.41 -31.19 -10.12
C ALA H 68 11.16 -30.32 -10.14
N ASP H 69 11.14 -29.36 -11.07
CA ASP H 69 9.94 -28.54 -11.26
C ASP H 69 8.66 -29.40 -11.54
N PHE H 71 8.22 -32.60 -10.62
CA PHE H 71 7.88 -33.33 -9.44
C PHE H 71 7.12 -32.49 -8.41
N GLU H 72 7.51 -31.23 -8.26
CA GLU H 72 6.94 -30.36 -7.25
C GLU H 72 5.68 -29.60 -7.67
N HIS H 73 5.62 -29.24 -8.96
CA HIS H 73 4.52 -28.42 -9.52
C HIS H 73 3.78 -29.22 -10.57
N ARG H 74 2.65 -29.77 -10.16
CA ARG H 74 1.98 -30.85 -10.84
C ARG H 74 0.83 -30.39 -11.75
N THR H 75 0.42 -29.13 -11.65
CA THR H 75 -0.79 -28.65 -12.36
C THR H 75 -0.43 -27.54 -13.36
N ALA H 76 -1.14 -27.49 -14.49
CA ALA H 76 -0.91 -26.48 -15.55
C ALA H 76 -1.21 -25.07 -15.11
N GLN H 77 -2.11 -24.92 -14.13
CA GLN H 77 -2.37 -23.65 -13.47
C GLN H 77 -2.20 -23.83 -11.99
N SER H 78 -1.67 -22.80 -11.33
CA SER H 78 -1.51 -22.84 -9.88
C SER H 78 -2.16 -21.66 -9.16
N GLU H 79 -2.46 -21.88 -7.90
CA GLU H 79 -3.02 -20.88 -7.01
C GLU H 79 -1.93 -19.91 -6.55
N VAL H 80 -0.70 -20.40 -6.49
CA VAL H 80 0.42 -19.56 -6.11
C VAL H 80 1.26 -19.24 -7.36
N GLN H 81 1.64 -17.98 -7.49
CA GLN H 81 2.36 -17.54 -8.66
C GLN H 81 3.70 -18.25 -8.71
N LEU H 82 4.10 -18.68 -9.91
CA LEU H 82 5.42 -19.27 -10.09
C LEU H 82 6.33 -18.30 -10.82
N TYR H 83 7.60 -18.31 -10.42
CA TYR H 83 8.62 -17.44 -11.00
C TYR H 83 9.71 -18.30 -11.62
N GLU H 84 10.03 -18.00 -12.88
CA GLU H 84 11.14 -18.64 -13.59
C GLU H 84 12.46 -18.51 -12.82
N ASN H 85 13.09 -19.66 -12.58
CA ASN H 85 14.45 -19.68 -12.06
C ASN H 85 15.35 -19.58 -13.27
N ALA H 86 16.01 -18.42 -13.41
CA ALA H 86 16.85 -18.09 -14.56
C ALA H 86 17.96 -19.10 -14.84
N ALA H 87 18.38 -19.82 -13.81
CA ALA H 87 19.47 -20.81 -13.93
C ALA H 87 19.23 -21.84 -15.02
N ALA H 88 17.97 -22.22 -15.24
CA ALA H 88 17.67 -23.27 -16.23
C ALA H 88 18.00 -22.85 -17.65
N GLU H 89 17.45 -21.70 -18.09
CA GLU H 89 17.72 -21.17 -19.42
C GLU H 89 19.21 -20.90 -19.59
N ARG H 90 19.82 -20.27 -18.59
CA ARG H 90 21.23 -19.91 -18.64
C ARG H 90 22.17 -21.11 -18.81
N PHE H 93 21.36 -22.10 -22.50
CA PHE H 93 21.73 -21.04 -23.44
C PHE H 93 23.19 -21.19 -23.84
N ILE H 94 24.01 -21.52 -22.86
CA ILE H 94 25.44 -21.63 -23.05
C ILE H 94 25.82 -22.81 -23.99
N HIS H 95 24.82 -23.62 -24.34
CA HIS H 95 24.98 -24.79 -25.21
C HIS H 95 23.91 -24.97 -26.30
N ARG H 96 23.17 -23.90 -26.64
CA ARG H 96 22.19 -24.00 -27.71
C ARG H 96 22.90 -23.96 -29.05
N ASN H 97 22.25 -24.49 -30.09
CA ASN H 97 22.82 -24.55 -31.44
C ASN H 97 23.07 -23.19 -32.08
N ALA I 2 38.42 -30.23 -20.88
CA ALA I 2 39.47 -31.18 -20.38
C ALA I 2 39.83 -31.01 -18.89
N ILE I 3 39.45 -29.90 -18.26
CA ILE I 3 39.76 -29.75 -16.83
C ILE I 3 38.61 -30.32 -16.02
N ASP I 4 38.93 -31.10 -14.98
CA ASP I 4 37.96 -31.66 -14.03
C ASP I 4 37.83 -30.66 -12.89
N VAL I 5 36.62 -30.19 -12.63
CA VAL I 5 36.35 -29.26 -11.55
C VAL I 5 36.95 -29.67 -10.18
N LEU I 6 36.96 -30.98 -9.90
CA LEU I 6 37.46 -31.46 -8.61
C LEU I 6 38.99 -31.36 -8.48
N ASP I 7 39.66 -31.13 -9.60
CA ASP I 7 41.08 -30.79 -9.58
C ASP I 7 41.28 -29.32 -9.31
N VAL I 8 40.21 -28.54 -9.46
CA VAL I 8 40.26 -27.12 -9.17
C VAL I 8 39.77 -26.83 -7.72
N ILE I 9 38.60 -27.33 -7.38
CA ILE I 9 38.05 -27.17 -6.02
C ILE I 9 37.62 -28.56 -5.61
N SER I 10 38.13 -29.04 -4.50
CA SER I 10 37.79 -30.39 -4.08
C SER I 10 36.35 -30.44 -3.65
N LEU I 11 35.76 -31.64 -3.71
CA LEU I 11 34.40 -31.85 -3.19
C LEU I 11 34.23 -31.42 -1.74
N SER I 12 35.27 -31.64 -0.95
CA SER I 12 35.29 -31.20 0.44
C SER I 12 34.99 -29.70 0.60
N LEU I 13 35.64 -28.86 -0.21
CA LEU I 13 35.39 -27.41 -0.22
C LEU I 13 34.01 -27.04 -0.75
N PHE I 14 33.56 -27.73 -1.81
CA PHE I 14 32.16 -27.59 -2.24
C PHE I 14 31.16 -27.85 -1.09
N LYS I 15 31.35 -28.93 -0.32
CA LYS I 15 30.47 -29.23 0.84
C LYS I 15 30.50 -28.13 1.88
N GLN I 16 31.68 -27.58 2.15
CA GLN I 16 31.84 -26.47 3.08
C GLN I 16 31.11 -25.19 2.64
N GLN I 17 31.15 -24.91 1.35
CA GLN I 17 30.45 -23.77 0.75
C GLN I 17 28.98 -23.79 1.14
N ILE I 18 28.37 -24.97 1.06
CA ILE I 18 26.94 -25.09 1.36
C ILE I 18 26.68 -25.59 2.79
N GLU I 19 27.70 -25.64 3.63
CA GLU I 19 27.52 -26.08 5.03
C GLU I 19 26.78 -27.42 5.13
N PHE I 20 27.14 -28.36 4.27
CA PHE I 20 26.50 -29.65 4.21
C PHE I 20 27.49 -30.70 4.73
N GLU I 21 27.16 -31.38 5.79
CA GLU I 21 28.12 -32.27 6.42
C GLU I 21 27.92 -33.76 6.09
N GLU I 22 26.77 -34.12 5.54
CA GLU I 22 26.43 -35.52 5.33
C GLU I 22 27.22 -36.16 4.19
N ASP I 23 27.27 -37.50 4.19
CA ASP I 23 28.10 -38.27 3.26
C ASP I 23 27.34 -38.96 2.14
N ASP I 24 26.08 -38.59 1.93
CA ASP I 24 25.23 -39.36 0.99
C ASP I 24 24.70 -38.58 -0.22
N ARG I 25 25.33 -37.46 -0.53
CA ARG I 25 24.90 -36.64 -1.67
C ARG I 25 26.08 -36.32 -2.54
N ASP I 26 27.12 -37.15 -2.41
CA ASP I 26 28.33 -36.90 -3.15
C ASP I 26 28.19 -36.94 -4.69
N GLU I 27 27.36 -37.82 -5.25
CA GLU I 27 27.17 -37.85 -6.73
C GLU I 27 26.36 -36.64 -7.19
N LEU I 28 25.37 -36.23 -6.39
CA LEU I 28 24.61 -35.02 -6.67
C LEU I 28 25.48 -33.76 -6.62
N ILE I 29 26.23 -33.62 -5.53
CA ILE I 29 27.18 -32.50 -5.38
C ILE I 29 28.20 -32.48 -6.54
N THR I 30 28.66 -33.64 -7.00
CA THR I 30 29.63 -33.71 -8.10
C THR I 30 28.99 -33.17 -9.38
N LEU I 31 27.76 -33.59 -9.66
CA LEU I 31 27.04 -33.07 -10.82
C LEU I 31 26.88 -31.53 -10.79
N TYR I 32 26.44 -30.99 -9.66
CA TYR I 32 26.28 -29.54 -9.51
C TYR I 32 27.62 -28.81 -9.73
N ALA I 33 28.68 -29.37 -9.17
CA ALA I 33 30.02 -28.79 -9.29
C ALA I 33 30.45 -28.79 -10.76
N GLN I 34 30.25 -29.92 -11.45
CA GLN I 34 30.58 -30.07 -12.87
C GLN I 34 29.79 -29.09 -13.72
N ALA I 35 28.48 -28.98 -13.44
CA ALA I 35 27.60 -28.05 -14.11
C ALA I 35 28.03 -26.61 -13.88
N ALA I 36 28.33 -26.26 -12.62
CA ALA I 36 28.77 -24.89 -12.31
C ALA I 36 30.08 -24.53 -13.02
N PHE I 37 31.03 -25.45 -13.02
CA PHE I 37 32.31 -25.25 -13.71
C PHE I 37 32.14 -25.10 -15.23
N ASP I 38 31.36 -26.00 -15.83
CA ASP I 38 31.07 -25.94 -17.25
C ASP I 38 30.49 -24.57 -17.63
N TYR I 39 29.45 -24.15 -16.91
CA TYR I 39 28.85 -22.84 -17.12
C TYR I 39 29.83 -21.66 -16.99
N CYS I 40 30.60 -21.61 -15.89
CA CYS I 40 31.54 -20.50 -15.66
C CYS I 40 32.69 -20.46 -16.69
N ARG I 42 32.58 -21.64 -19.85
CA ARG I 42 32.04 -21.22 -21.14
C ARG I 42 31.79 -19.73 -21.12
N TRP I 43 31.31 -19.23 -19.99
CA TRP I 43 31.08 -17.82 -19.79
C TRP I 43 32.37 -17.02 -19.94
N CYS I 44 33.45 -17.45 -19.30
CA CYS I 44 34.74 -16.77 -19.37
C CYS I 44 35.42 -16.94 -20.72
N ASP I 45 35.30 -18.13 -21.29
CA ASP I 45 35.84 -18.45 -22.62
C ASP I 45 37.30 -18.00 -22.67
N GLU I 46 38.09 -18.52 -21.74
CA GLU I 46 39.53 -18.29 -21.69
C GLU I 46 40.26 -19.60 -21.95
N PRO I 47 40.44 -19.94 -23.24
CA PRO I 47 41.01 -21.24 -23.56
C PRO I 47 42.50 -21.33 -23.22
N ALA I 48 43.08 -20.21 -22.77
CA ALA I 48 44.46 -20.20 -22.27
C ALA I 48 44.63 -20.87 -20.88
N TRP I 49 43.52 -21.13 -20.18
CA TRP I 49 43.58 -21.93 -18.95
C TRP I 49 43.55 -23.41 -19.36
N LYS I 50 44.67 -24.08 -19.18
CA LYS I 50 44.83 -25.43 -19.69
C LYS I 50 44.82 -26.46 -18.56
N VAL I 51 45.30 -26.06 -17.39
CA VAL I 51 45.39 -26.96 -16.25
C VAL I 51 44.67 -26.36 -15.04
N ALA I 52 44.37 -27.20 -14.06
CA ALA I 52 43.66 -26.80 -12.85
C ALA I 52 44.24 -25.55 -12.21
N ALA I 53 45.57 -25.47 -12.12
CA ALA I 53 46.22 -24.35 -11.43
C ALA I 53 46.18 -23.02 -12.20
N ASP I 54 45.66 -23.03 -13.42
CA ASP I 54 45.54 -21.82 -14.25
C ASP I 54 44.32 -20.98 -13.87
N ILE I 55 43.31 -21.62 -13.26
CA ILE I 55 42.03 -20.98 -12.97
C ILE I 55 42.20 -19.96 -11.84
N PRO I 56 41.87 -18.68 -12.12
CA PRO I 56 42.02 -17.56 -11.19
C PRO I 56 41.00 -17.65 -10.06
N ALA I 57 41.40 -17.13 -8.90
CA ALA I 57 40.64 -17.29 -7.67
C ALA I 57 39.28 -16.64 -7.80
N ALA I 58 39.20 -15.52 -8.52
CA ALA I 58 37.90 -14.86 -8.71
C ALA I 58 36.93 -15.79 -9.48
N VAL I 59 37.46 -16.55 -10.43
CA VAL I 59 36.62 -17.54 -11.14
C VAL I 59 36.23 -18.70 -10.19
N LYS I 60 37.15 -19.17 -9.36
CA LYS I 60 36.79 -20.18 -8.35
C LYS I 60 35.63 -19.68 -7.46
N GLY I 61 35.67 -18.40 -7.07
CA GLY I 61 34.60 -17.83 -6.26
C GLY I 61 33.26 -17.89 -6.96
N ALA I 62 33.21 -17.52 -8.23
CA ALA I 62 31.98 -17.62 -9.02
C ALA I 62 31.45 -19.06 -9.14
N VAL I 63 32.35 -20.02 -9.32
CA VAL I 63 31.97 -21.41 -9.47
C VAL I 63 31.28 -21.85 -8.15
N LEU I 64 31.84 -21.48 -7.01
CA LEU I 64 31.25 -21.76 -5.71
C LEU I 64 29.83 -21.16 -5.59
N LEU I 65 29.66 -19.91 -6.05
CA LEU I 65 28.34 -19.25 -5.99
C LEU I 65 27.30 -19.97 -6.87
N VAL I 66 27.71 -20.36 -8.07
CA VAL I 66 26.78 -20.97 -9.05
C VAL I 66 26.44 -22.39 -8.54
N PHE I 67 27.45 -23.09 -8.03
CA PHE I 67 27.26 -24.38 -7.39
C PHE I 67 26.21 -24.33 -6.28
N ALA I 68 26.43 -23.43 -5.32
CA ALA I 68 25.59 -23.35 -4.14
C ALA I 68 24.13 -23.02 -4.48
N ASP I 69 23.95 -22.14 -5.48
CA ASP I 69 22.62 -21.85 -6.02
C ASP I 69 21.89 -23.11 -6.51
N PHE I 71 22.40 -26.16 -5.54
CA PHE I 71 22.12 -26.99 -4.38
C PHE I 71 20.90 -26.48 -3.63
N GLU I 72 20.74 -25.17 -3.57
CA GLU I 72 19.71 -24.58 -2.73
C GLU I 72 18.41 -24.39 -3.46
N HIS I 73 18.47 -24.19 -4.78
CA HIS I 73 17.29 -23.88 -5.55
C HIS I 73 17.19 -24.86 -6.68
N ARG I 74 16.36 -25.86 -6.44
CA ARG I 74 16.37 -27.11 -7.19
C ARG I 74 15.36 -27.19 -8.30
N THR I 75 14.46 -26.20 -8.42
CA THR I 75 13.41 -26.25 -9.43
C THR I 75 13.54 -25.13 -10.48
N ALA I 76 13.16 -25.41 -11.73
CA ALA I 76 13.19 -24.41 -12.81
C ALA I 76 12.18 -23.30 -12.59
N GLN I 77 11.18 -23.55 -11.76
CA GLN I 77 10.28 -22.51 -11.28
C GLN I 77 10.16 -22.58 -9.77
N SER I 78 10.13 -21.41 -9.13
CA SER I 78 9.90 -21.34 -7.70
C SER I 78 8.71 -20.48 -7.37
N GLU I 79 8.21 -20.69 -6.16
CA GLU I 79 7.09 -19.93 -5.64
C GLU I 79 7.60 -18.64 -4.99
N VAL I 80 8.88 -18.63 -4.63
CA VAL I 80 9.50 -17.38 -4.15
C VAL I 80 10.38 -16.79 -5.26
N GLN I 81 10.27 -15.47 -5.46
CA GLN I 81 11.10 -14.76 -6.45
C GLN I 81 12.58 -14.86 -6.06
N LEU I 82 13.42 -15.17 -7.04
CA LEU I 82 14.87 -15.23 -6.84
C LEU I 82 15.47 -13.96 -7.41
N TYR I 83 16.47 -13.42 -6.71
CA TYR I 83 17.17 -12.22 -7.17
C TYR I 83 18.61 -12.56 -7.46
N GLU I 84 19.16 -12.00 -8.54
CA GLU I 84 20.54 -12.30 -8.88
C GLU I 84 21.49 -11.66 -7.86
N ASN I 85 22.42 -12.48 -7.36
CA ASN I 85 23.51 -11.99 -6.55
C ASN I 85 24.58 -11.52 -7.52
N ALA I 86 24.77 -10.21 -7.61
CA ALA I 86 25.71 -9.56 -8.54
C ALA I 86 27.14 -10.07 -8.46
N ALA I 87 27.56 -10.58 -7.29
CA ALA I 87 28.92 -11.06 -7.13
C ALA I 87 29.32 -12.15 -8.12
N ALA I 88 28.38 -13.01 -8.53
CA ALA I 88 28.71 -14.12 -9.44
C ALA I 88 29.24 -13.60 -10.76
N GLU I 89 28.46 -12.74 -11.42
CA GLU I 89 28.86 -12.16 -12.71
C GLU I 89 30.09 -11.28 -12.65
N ARG I 90 30.19 -10.44 -11.63
CA ARG I 90 31.34 -9.55 -11.49
C ARG I 90 32.67 -10.30 -11.30
N PHE I 93 33.22 -11.80 -14.85
CA PHE I 93 33.45 -10.73 -15.84
C PHE I 93 34.88 -10.21 -15.81
N ILE I 94 35.49 -10.24 -14.62
CA ILE I 94 36.82 -9.69 -14.42
C ILE I 94 37.90 -10.55 -15.14
N HIS I 95 37.48 -11.70 -15.69
CA HIS I 95 38.38 -12.62 -16.40
C HIS I 95 37.81 -13.16 -17.74
N ARG I 96 36.94 -12.39 -18.40
CA ARG I 96 36.39 -12.83 -19.69
C ARG I 96 37.41 -12.69 -20.83
N ALA J 2 50.54 -12.35 -8.73
CA ALA J 2 51.94 -12.29 -8.23
C ALA J 2 52.02 -12.12 -6.71
N ILE J 3 51.21 -11.22 -6.17
CA ILE J 3 51.21 -10.97 -4.72
C ILE J 3 50.29 -11.96 -3.99
N ASP J 4 50.74 -12.45 -2.82
CA ASP J 4 49.95 -13.32 -1.95
C ASP J 4 49.10 -12.44 -1.03
N VAL J 5 47.78 -12.66 -1.05
CA VAL J 5 46.85 -11.86 -0.25
C VAL J 5 47.19 -11.92 1.25
N LEU J 6 47.58 -13.10 1.72
CA LEU J 6 47.89 -13.26 3.13
C LEU J 6 49.20 -12.55 3.53
N ASP J 7 49.97 -12.07 2.55
CA ASP J 7 51.08 -11.15 2.82
C ASP J 7 50.59 -9.73 2.97
N VAL J 8 49.36 -9.45 2.51
CA VAL J 8 48.73 -8.13 2.59
C VAL J 8 47.84 -8.01 3.84
N ILE J 9 46.95 -8.99 4.03
CA ILE J 9 46.11 -9.08 5.21
C ILE J 9 46.22 -10.52 5.66
N SER J 10 46.60 -10.72 6.93
CA SER J 10 46.80 -12.07 7.44
C SER J 10 45.49 -12.84 7.52
N LEU J 11 45.59 -14.17 7.57
CA LEU J 11 44.40 -15.01 7.76
C LEU J 11 43.63 -14.63 9.03
N SER J 12 44.38 -14.43 10.11
CA SER J 12 43.85 -14.02 11.39
C SER J 12 42.97 -12.75 11.30
N LEU J 13 43.44 -11.75 10.56
CA LEU J 13 42.65 -10.56 10.34
C LEU J 13 41.38 -10.83 9.55
N PHE J 14 41.47 -11.69 8.54
CA PHE J 14 40.31 -12.05 7.72
C PHE J 14 39.23 -12.67 8.59
N LYS J 15 39.63 -13.56 9.50
CA LYS J 15 38.69 -14.19 10.46
C LYS J 15 38.05 -13.21 11.42
N GLN J 16 38.83 -12.23 11.86
CA GLN J 16 38.31 -11.14 12.69
C GLN J 16 37.28 -10.29 11.93
N GLN J 17 37.52 -10.02 10.64
CA GLN J 17 36.53 -9.30 9.83
C GLN J 17 35.16 -9.97 9.88
N ILE J 18 35.13 -11.29 9.75
CA ILE J 18 33.86 -12.01 9.75
C ILE J 18 33.50 -12.53 11.12
N GLU J 19 34.31 -12.22 12.13
CA GLU J 19 34.05 -12.66 13.50
C GLU J 19 33.97 -14.19 13.60
N PHE J 20 34.87 -14.85 12.88
CA PHE J 20 34.88 -16.30 12.82
C PHE J 20 36.03 -16.82 13.67
N GLU J 21 35.70 -17.48 14.79
CA GLU J 21 36.75 -17.90 15.73
C GLU J 21 37.31 -19.33 15.51
N GLU J 22 36.54 -20.21 14.88
CA GLU J 22 36.98 -21.58 14.53
C GLU J 22 38.22 -21.71 13.61
N ASP J 23 38.84 -22.89 13.65
CA ASP J 23 40.07 -23.22 12.91
C ASP J 23 39.85 -24.25 11.79
N ASP J 24 38.60 -24.64 11.54
CA ASP J 24 38.33 -25.74 10.63
C ASP J 24 37.83 -25.32 9.24
N ARG J 25 37.94 -24.03 8.93
CA ARG J 25 37.53 -23.49 7.63
C ARG J 25 38.62 -22.62 7.01
N ASP J 26 39.86 -22.83 7.44
CA ASP J 26 40.99 -22.06 6.91
C ASP J 26 41.12 -22.13 5.38
N GLU J 27 40.96 -23.32 4.82
CA GLU J 27 41.08 -23.49 3.37
C GLU J 27 40.00 -22.71 2.60
N LEU J 28 38.75 -22.83 3.03
CA LEU J 28 37.65 -22.10 2.39
C LEU J 28 37.83 -20.57 2.56
N ILE J 29 38.12 -20.15 3.78
CA ILE J 29 38.34 -18.74 4.06
C ILE J 29 39.48 -18.18 3.20
N THR J 30 40.57 -18.93 3.08
CA THR J 30 41.68 -18.52 2.22
C THR J 30 41.23 -18.36 0.77
N LEU J 31 40.31 -19.23 0.32
CA LEU J 31 39.84 -19.17 -1.05
C LEU J 31 39.06 -17.87 -1.28
N TYR J 32 38.19 -17.53 -0.31
CA TYR J 32 37.44 -16.30 -0.37
C TYR J 32 38.37 -15.10 -0.36
N ALA J 33 39.42 -15.16 0.45
CA ALA J 33 40.41 -14.07 0.54
C ALA J 33 41.13 -13.87 -0.79
N GLN J 34 41.56 -14.97 -1.41
CA GLN J 34 42.22 -14.95 -2.70
C GLN J 34 41.30 -14.42 -3.81
N ALA J 35 40.04 -14.84 -3.79
CA ALA J 35 39.04 -14.40 -4.77
C ALA J 35 38.81 -12.90 -4.60
N ALA J 36 38.62 -12.46 -3.36
CA ALA J 36 38.39 -11.03 -3.10
C ALA J 36 39.57 -10.18 -3.57
N PHE J 37 40.78 -10.64 -3.28
CA PHE J 37 41.99 -9.93 -3.65
C PHE J 37 42.17 -9.90 -5.16
N ASP J 38 41.97 -11.06 -5.80
CA ASP J 38 42.03 -11.15 -7.26
C ASP J 38 41.04 -10.18 -7.90
N TYR J 39 39.81 -10.15 -7.39
CA TYR J 39 38.80 -9.24 -7.92
C TYR J 39 39.16 -7.74 -7.77
N CYS J 40 39.56 -7.32 -6.57
CA CYS J 40 39.92 -5.92 -6.33
C CYS J 40 41.14 -5.47 -7.13
N ARG J 42 42.21 -6.76 -10.00
CA ARG J 42 41.90 -6.67 -11.42
C ARG J 42 41.06 -5.43 -11.68
N TRP J 43 40.22 -5.07 -10.71
CA TRP J 43 39.33 -3.93 -10.82
C TRP J 43 40.09 -2.63 -10.82
N CYS J 44 41.08 -2.50 -9.94
CA CYS J 44 41.93 -1.31 -9.88
C CYS J 44 42.92 -1.29 -11.05
N ASP J 45 43.43 -2.47 -11.42
CA ASP J 45 44.39 -2.63 -12.53
C ASP J 45 45.63 -1.72 -12.41
N GLU J 46 46.30 -1.75 -11.25
CA GLU J 46 47.47 -0.91 -11.00
C GLU J 46 48.81 -1.68 -11.05
N PRO J 47 49.53 -1.61 -12.19
CA PRO J 47 50.83 -2.27 -12.37
C PRO J 47 51.93 -1.79 -11.44
N ALA J 48 51.84 -0.55 -10.96
CA ALA J 48 52.82 -0.01 -10.00
C ALA J 48 52.84 -0.76 -8.65
N TRP J 49 51.78 -1.49 -8.32
CA TRP J 49 51.77 -2.31 -7.10
C TRP J 49 52.41 -3.66 -7.36
N LYS J 50 53.67 -3.80 -6.93
CA LYS J 50 54.49 -4.97 -7.24
C LYS J 50 54.62 -5.95 -6.06
N VAL J 51 54.67 -5.41 -4.84
CA VAL J 51 54.77 -6.24 -3.63
C VAL J 51 53.60 -5.97 -2.68
N ALA J 52 53.45 -6.85 -1.67
CA ALA J 52 52.41 -6.73 -0.65
C ALA J 52 52.32 -5.33 -0.06
N ALA J 53 53.48 -4.75 0.26
CA ALA J 53 53.55 -3.46 0.95
C ALA J 53 53.00 -2.29 0.14
N ASP J 54 52.91 -2.47 -1.18
CA ASP J 54 52.45 -1.43 -2.10
C ASP J 54 50.94 -1.21 -2.05
N ILE J 55 50.21 -2.18 -1.52
CA ILE J 55 48.74 -2.14 -1.56
C ILE J 55 48.24 -1.08 -0.57
N PRO J 56 47.57 -0.03 -1.08
CA PRO J 56 47.08 1.08 -0.25
C PRO J 56 45.95 0.71 0.69
N ALA J 57 45.80 1.50 1.75
CA ALA J 57 44.88 1.17 2.83
C ALA J 57 43.41 1.05 2.41
N ALA J 58 42.91 1.98 1.58
CA ALA J 58 41.54 1.93 1.10
C ALA J 58 41.25 0.65 0.31
N VAL J 59 42.22 0.20 -0.48
CA VAL J 59 42.08 -1.01 -1.29
C VAL J 59 41.97 -2.22 -0.35
N LYS J 60 42.74 -2.22 0.75
CA LYS J 60 42.64 -3.28 1.77
C LYS J 60 41.25 -3.34 2.42
N GLY J 61 40.65 -2.16 2.66
CA GLY J 61 39.28 -2.08 3.14
C GLY J 61 38.28 -2.66 2.16
N ALA J 62 38.49 -2.42 0.86
CA ALA J 62 37.60 -2.97 -0.13
C ALA J 62 37.72 -4.50 -0.15
N VAL J 63 38.94 -5.02 -0.03
CA VAL J 63 39.17 -6.46 -0.03
C VAL J 63 38.43 -7.13 1.12
N LEU J 64 38.56 -6.57 2.33
CA LEU J 64 37.82 -7.06 3.48
C LEU J 64 36.29 -7.10 3.23
N LEU J 65 35.76 -6.04 2.60
CA LEU J 65 34.31 -5.98 2.29
C LEU J 65 33.88 -7.08 1.31
N VAL J 66 34.66 -7.24 0.24
CA VAL J 66 34.33 -8.21 -0.82
C VAL J 66 34.50 -9.64 -0.24
N PHE J 67 35.57 -9.84 0.53
CA PHE J 67 35.79 -11.10 1.25
C PHE J 67 34.61 -11.46 2.13
N ALA J 68 34.18 -10.53 2.99
CA ALA J 68 33.11 -10.82 3.93
C ALA J 68 31.81 -11.11 3.24
N ASP J 69 31.57 -10.42 2.14
CA ASP J 69 30.38 -10.71 1.34
C ASP J 69 30.36 -12.17 0.83
N PHE J 71 31.88 -14.69 2.31
CA PHE J 71 31.67 -15.54 3.46
C PHE J 71 30.19 -15.60 3.84
N GLU J 72 29.52 -14.46 3.77
CA GLU J 72 28.13 -14.37 4.23
C GLU J 72 27.05 -14.78 3.22
N HIS J 73 27.35 -14.59 1.93
CA HIS J 73 26.37 -14.78 0.86
C HIS J 73 26.89 -15.81 -0.15
N ARG J 74 26.40 -17.03 0.01
CA ARG J 74 27.02 -18.23 -0.57
C ARG J 74 26.45 -18.63 -1.94
N THR J 75 25.35 -17.99 -2.38
CA THR J 75 24.61 -18.42 -3.59
C THR J 75 24.52 -17.34 -4.67
N ALA J 76 24.57 -17.75 -5.96
CA ALA J 76 24.42 -16.83 -7.11
C ALA J 76 23.03 -16.19 -7.24
N GLN J 77 22.01 -16.80 -6.65
CA GLN J 77 20.71 -16.15 -6.47
C GLN J 77 20.26 -16.31 -5.03
N SER J 78 19.42 -15.38 -4.56
CA SER J 78 18.88 -15.43 -3.21
C SER J 78 17.41 -15.09 -3.18
N GLU J 79 16.73 -15.63 -2.16
CA GLU J 79 15.31 -15.33 -1.88
C GLU J 79 15.14 -13.92 -1.34
N VAL J 80 16.24 -13.29 -0.93
CA VAL J 80 16.16 -11.94 -0.42
C VAL J 80 17.09 -11.06 -1.23
N GLN J 81 16.55 -9.93 -1.68
CA GLN J 81 17.32 -8.96 -2.46
C GLN J 81 18.56 -8.49 -1.68
N LEU J 82 19.70 -8.53 -2.35
CA LEU J 82 20.94 -7.98 -1.78
C LEU J 82 21.13 -6.57 -2.28
N TYR J 83 21.54 -5.68 -1.39
CA TYR J 83 21.83 -4.29 -1.75
C TYR J 83 23.33 -4.02 -1.68
N GLU J 84 23.82 -3.36 -2.72
CA GLU J 84 25.23 -3.04 -2.79
C GLU J 84 25.55 -2.05 -1.67
N ASN J 85 26.64 -2.34 -0.96
CA ASN J 85 27.24 -1.40 -0.03
C ASN J 85 28.21 -0.56 -0.83
N ALA J 86 27.89 0.73 -0.98
CA ALA J 86 28.67 1.63 -1.83
C ALA J 86 30.12 1.86 -1.36
N ALA J 87 30.41 1.54 -0.10
CA ALA J 87 31.78 1.69 0.40
C ALA J 87 32.83 0.88 -0.37
N ALA J 88 32.47 -0.31 -0.88
CA ALA J 88 33.46 -1.15 -1.59
C ALA J 88 33.95 -0.50 -2.87
N GLU J 89 33.03 -0.13 -3.75
CA GLU J 89 33.43 0.51 -5.00
C GLU J 89 34.09 1.86 -4.75
N ARG J 90 33.57 2.63 -3.77
CA ARG J 90 34.14 3.95 -3.48
C ARG J 90 35.56 3.86 -2.95
N PHE J 93 37.54 2.94 -6.21
CA PHE J 93 37.51 4.02 -7.23
C PHE J 93 38.62 5.06 -7.04
N ILE J 94 38.92 5.42 -5.80
CA ILE J 94 39.99 6.40 -5.52
C ILE J 94 41.41 5.85 -5.82
N HIS J 95 41.51 4.55 -6.12
CA HIS J 95 42.79 3.93 -6.55
C HIS J 95 42.72 3.20 -7.90
N ARG J 96 41.69 3.48 -8.68
CA ARG J 96 41.52 2.88 -10.02
C ARG J 96 42.53 3.50 -11.02
N ASN J 97 43.11 2.66 -11.87
CA ASN J 97 44.08 3.10 -12.91
C ASN J 97 43.40 3.86 -14.07
N ALA K 2 51.89 9.52 3.45
CA ALA K 2 53.01 9.87 4.39
C ALA K 2 52.55 10.25 5.80
N ILE K 3 51.28 10.58 5.99
CA ILE K 3 50.77 10.90 7.34
C ILE K 3 50.17 9.64 7.97
N ASP K 4 50.46 9.42 9.26
CA ASP K 4 49.91 8.29 9.99
C ASP K 4 48.61 8.76 10.63
N VAL K 5 47.53 8.05 10.32
CA VAL K 5 46.21 8.38 10.83
C VAL K 5 46.19 8.48 12.35
N LEU K 6 47.00 7.65 13.02
CA LEU K 6 47.02 7.61 14.47
C LEU K 6 47.71 8.81 15.09
N ASP K 7 48.43 9.57 14.27
CA ASP K 7 48.99 10.87 14.69
C ASP K 7 47.94 11.98 14.53
N VAL K 8 46.86 11.68 13.79
CA VAL K 8 45.77 12.64 13.62
C VAL K 8 44.64 12.39 14.62
N ILE K 9 44.24 11.12 14.75
CA ILE K 9 43.21 10.68 15.68
C ILE K 9 43.74 9.42 16.36
N SER K 10 43.85 9.44 17.68
CA SER K 10 44.48 8.33 18.40
C SER K 10 43.62 7.09 18.29
N LEU K 11 44.25 5.91 18.43
CA LEU K 11 43.51 4.64 18.42
C LEU K 11 42.39 4.68 19.44
N SER K 12 42.69 5.24 20.61
CA SER K 12 41.74 5.38 21.71
C SER K 12 40.48 6.18 21.35
N LEU K 13 40.62 7.26 20.57
CA LEU K 13 39.45 7.99 20.08
C LEU K 13 38.63 7.21 19.05
N PHE K 14 39.30 6.59 18.08
CA PHE K 14 38.64 5.70 17.11
C PHE K 14 37.77 4.66 17.86
N LYS K 15 38.31 4.10 18.94
CA LYS K 15 37.56 3.12 19.73
C LYS K 15 36.35 3.71 20.46
N GLN K 16 36.50 4.91 21.01
CA GLN K 16 35.39 5.68 21.56
C GLN K 16 34.30 5.99 20.48
N GLN K 17 34.72 6.32 19.25
CA GLN K 17 33.77 6.57 18.17
C GLN K 17 32.79 5.41 18.05
N ILE K 18 33.30 4.17 18.10
CA ILE K 18 32.46 2.97 17.97
C ILE K 18 32.04 2.34 19.32
N GLU K 19 32.36 3.01 20.41
CA GLU K 19 32.07 2.51 21.75
C GLU K 19 32.59 1.09 22.00
N PHE K 20 33.80 0.84 21.54
CA PHE K 20 34.41 -0.48 21.64
C PHE K 20 35.43 -0.52 22.78
N GLU K 21 35.14 -1.25 23.85
CA GLU K 21 36.03 -1.28 25.02
C GLU K 21 36.92 -2.53 25.18
N GLU K 22 37.41 -3.07 24.06
CA GLU K 22 38.36 -4.18 24.12
C GLU K 22 39.68 -3.86 23.41
N ASP K 23 40.73 -4.63 23.70
CA ASP K 23 42.05 -4.42 23.09
C ASP K 23 42.48 -5.50 22.11
N ASP K 24 41.62 -6.49 21.89
CA ASP K 24 41.96 -7.65 21.06
C ASP K 24 41.67 -7.46 19.57
N ARG K 25 41.29 -6.24 19.17
CA ARG K 25 41.01 -5.94 17.77
C ARG K 25 41.71 -4.67 17.32
N ASP K 26 42.81 -4.34 18.00
CA ASP K 26 43.59 -3.14 17.67
C ASP K 26 44.08 -3.15 16.21
N GLU K 27 44.51 -4.30 15.73
CA GLU K 27 45.03 -4.41 14.37
C GLU K 27 43.93 -4.21 13.31
N LEU K 28 42.78 -4.85 13.50
CA LEU K 28 41.63 -4.65 12.63
C LEU K 28 41.14 -3.18 12.64
N ILE K 29 40.98 -2.61 13.84
CA ILE K 29 40.56 -1.21 13.98
C ILE K 29 41.54 -0.27 13.30
N THR K 30 42.83 -0.55 13.48
CA THR K 30 43.87 0.28 12.85
C THR K 30 43.74 0.21 11.34
N LEU K 31 43.47 -0.98 10.81
CA LEU K 31 43.26 -1.12 9.40
C LEU K 31 42.04 -0.28 8.90
N TYR K 32 40.90 -0.38 9.60
CA TYR K 32 39.75 0.48 9.27
C TYR K 32 40.12 1.98 9.31
N ALA K 33 40.87 2.38 10.32
CA ALA K 33 41.26 3.77 10.52
C ALA K 33 42.13 4.24 9.34
N GLN K 34 43.07 3.39 8.94
CA GLN K 34 43.95 3.67 7.80
C GLN K 34 43.17 3.79 6.48
N ALA K 35 42.23 2.86 6.27
CA ALA K 35 41.41 2.86 5.07
C ALA K 35 40.53 4.12 5.00
N ALA K 36 39.85 4.43 6.10
CA ALA K 36 39.05 5.67 6.20
C ALA K 36 39.86 6.93 5.91
N PHE K 37 41.03 7.03 6.50
CA PHE K 37 41.90 8.20 6.33
C PHE K 37 42.38 8.29 4.87
N ASP K 38 42.81 7.14 4.34
CA ASP K 38 43.28 7.06 2.97
C ASP K 38 42.13 7.50 2.05
N TYR K 39 40.93 6.99 2.29
CA TYR K 39 39.77 7.40 1.50
C TYR K 39 39.51 8.92 1.53
N CYS K 40 39.37 9.48 2.74
CA CYS K 40 39.10 10.92 2.89
C CYS K 40 40.21 11.84 2.35
N ARG K 42 42.44 11.18 -0.13
CA ARG K 42 42.41 11.11 -1.58
C ARG K 42 41.25 11.94 -2.12
N TRP K 43 40.13 11.83 -1.42
CA TRP K 43 38.90 12.50 -1.82
C TRP K 43 39.01 14.01 -1.72
N CYS K 44 39.66 14.48 -0.66
CA CYS K 44 39.83 15.92 -0.48
C CYS K 44 41.00 16.39 -1.33
N ASP K 45 41.99 15.52 -1.46
CA ASP K 45 43.11 15.70 -2.39
C ASP K 45 43.78 17.04 -2.17
N GLU K 46 44.13 17.32 -0.91
CA GLU K 46 44.78 18.57 -0.56
C GLU K 46 46.27 18.36 -0.29
N PRO K 47 47.14 18.80 -1.24
CA PRO K 47 48.59 18.78 -1.07
C PRO K 47 49.08 19.67 0.07
N ALA K 48 48.40 20.79 0.30
CA ALA K 48 48.80 21.74 1.34
C ALA K 48 48.79 21.20 2.79
N TRP K 49 48.27 19.98 2.99
CA TRP K 49 48.37 19.33 4.29
C TRP K 49 49.51 18.32 4.29
N LYS K 50 50.52 18.57 5.11
CA LYS K 50 51.74 17.73 5.12
C LYS K 50 52.05 17.07 6.48
N VAL K 51 51.52 17.63 7.56
CA VAL K 51 51.64 17.04 8.91
C VAL K 51 50.26 16.77 9.53
N ALA K 52 50.24 15.93 10.56
CA ALA K 52 49.00 15.56 11.26
C ALA K 52 48.20 16.79 11.68
N ALA K 53 48.90 17.81 12.16
CA ALA K 53 48.27 19.01 12.69
C ALA K 53 47.59 19.88 11.61
N ASP K 54 47.88 19.61 10.35
CA ASP K 54 47.31 20.37 9.23
C ASP K 54 45.87 20.01 8.91
N ILE K 55 45.44 18.80 9.29
CA ILE K 55 44.13 18.28 8.88
C ILE K 55 42.99 18.97 9.61
N PRO K 56 42.05 19.57 8.83
CA PRO K 56 41.00 20.35 9.48
C PRO K 56 40.00 19.47 10.26
N ALA K 57 39.30 20.11 11.19
CA ALA K 57 38.42 19.44 12.12
C ALA K 57 37.26 18.72 11.41
N ALA K 58 36.67 19.34 10.39
CA ALA K 58 35.56 18.73 9.66
C ALA K 58 36.00 17.47 8.94
N VAL K 59 37.26 17.44 8.51
CA VAL K 59 37.82 16.26 7.84
C VAL K 59 38.06 15.12 8.84
N LYS K 60 38.52 15.45 10.05
CA LYS K 60 38.58 14.47 11.12
C LYS K 60 37.21 13.89 11.42
N GLY K 61 36.16 14.73 11.40
CA GLY K 61 34.78 14.26 11.59
C GLY K 61 34.36 13.26 10.50
N ALA K 62 34.65 13.57 9.23
CA ALA K 62 34.34 12.66 8.14
C ALA K 62 35.12 11.33 8.29
N VAL K 63 36.40 11.44 8.61
CA VAL K 63 37.23 10.25 8.83
C VAL K 63 36.58 9.33 9.89
N LEU K 64 36.12 9.90 11.00
CA LEU K 64 35.47 9.09 12.04
C LEU K 64 34.17 8.42 11.55
N LEU K 65 33.41 9.14 10.71
CA LEU K 65 32.16 8.56 10.14
C LEU K 65 32.43 7.35 9.25
N VAL K 66 33.42 7.50 8.36
CA VAL K 66 33.76 6.48 7.37
C VAL K 66 34.34 5.26 8.12
N PHE K 67 35.19 5.55 9.08
CA PHE K 67 35.79 4.52 9.89
C PHE K 67 34.69 3.67 10.55
N ALA K 68 33.72 4.34 11.17
CA ALA K 68 32.71 3.64 12.00
C ALA K 68 31.83 2.80 11.06
N ASP K 69 31.58 3.35 9.88
CA ASP K 69 30.82 2.62 8.89
C ASP K 69 31.49 1.27 8.53
N PHE K 71 33.52 -0.42 10.51
CA PHE K 71 33.42 -1.27 11.68
C PHE K 71 32.07 -1.95 11.76
N GLU K 72 30.99 -1.22 11.52
CA GLU K 72 29.61 -1.76 11.65
C GLU K 72 29.12 -2.56 10.45
N HIS K 73 29.58 -2.18 9.27
CA HIS K 73 29.05 -2.72 8.02
C HIS K 73 30.17 -3.37 7.26
N ARG K 74 30.27 -4.68 7.42
CA ARG K 74 31.45 -5.47 7.05
C ARG K 74 31.41 -6.18 5.69
N THR K 75 30.27 -6.12 4.99
CA THR K 75 30.11 -6.83 3.73
C THR K 75 29.85 -5.87 2.58
N ALA K 76 30.33 -6.23 1.40
CA ALA K 76 30.13 -5.46 0.18
C ALA K 76 28.66 -5.43 -0.30
N GLN K 77 27.86 -6.40 0.14
CA GLN K 77 26.42 -6.40 -0.09
C GLN K 77 25.72 -6.70 1.22
N SER K 78 24.53 -6.14 1.39
CA SER K 78 23.74 -6.41 2.59
C SER K 78 22.31 -6.74 2.22
N GLU K 79 21.65 -7.50 3.10
CA GLU K 79 20.22 -7.78 2.99
C GLU K 79 19.39 -6.58 3.41
N VAL K 80 19.99 -5.64 4.14
CA VAL K 80 19.25 -4.40 4.43
C VAL K 80 19.89 -3.20 3.75
N GLN K 81 19.06 -2.37 3.14
CA GLN K 81 19.50 -1.18 2.42
CA GLN K 81 19.51 -1.20 2.42
C GLN K 81 20.28 -0.27 3.36
N LEU K 82 21.39 0.27 2.86
CA LEU K 82 22.13 1.24 3.63
C LEU K 82 21.84 2.59 3.01
N TYR K 83 21.67 3.61 3.85
CA TYR K 83 21.40 4.96 3.39
C TYR K 83 22.61 5.83 3.71
N GLU K 84 23.00 6.65 2.75
CA GLU K 84 24.10 7.58 2.97
C GLU K 84 23.72 8.59 4.07
N ASN K 85 24.58 8.71 5.07
CA ASN K 85 24.54 9.82 6.00
C ASN K 85 25.20 11.02 5.31
N ALA K 86 24.39 12.00 4.94
CA ALA K 86 24.84 13.19 4.24
C ALA K 86 25.97 13.95 4.96
N ALA K 87 26.06 13.82 6.28
CA ALA K 87 27.09 14.53 7.05
C ALA K 87 28.52 14.22 6.59
N ALA K 88 28.76 12.97 6.17
CA ALA K 88 30.11 12.54 5.79
C ALA K 88 30.58 13.30 4.55
N GLU K 89 29.77 13.30 3.50
CA GLU K 89 30.09 14.03 2.27
C GLU K 89 30.17 15.53 2.52
N ARG K 90 29.27 16.07 3.34
CA ARG K 90 29.27 17.51 3.63
C ARG K 90 30.49 17.95 4.42
N PHE K 93 33.31 17.77 1.67
CA PHE K 93 33.11 18.66 0.52
C PHE K 93 33.53 20.08 0.87
N ILE K 94 33.37 20.44 2.13
CA ILE K 94 33.70 21.75 2.66
C ILE K 94 35.23 22.06 2.55
N HIS K 95 36.05 21.01 2.44
CA HIS K 95 37.52 21.15 2.30
C HIS K 95 38.14 20.45 1.06
N ARG K 96 37.32 20.24 0.03
CA ARG K 96 37.77 19.68 -1.25
C ARG K 96 38.67 20.70 -1.96
N ASN K 97 39.70 20.20 -2.66
CA ASN K 97 40.68 21.04 -3.36
C ASN K 97 40.10 21.68 -4.63
N ALA L 2 42.84 31.97 14.27
CA ALA L 2 41.50 31.35 14.04
C ALA L 2 40.74 31.19 15.36
N ILE L 3 39.42 31.11 15.27
CA ILE L 3 38.58 31.04 16.47
C ILE L 3 38.49 29.61 17.02
N ASP L 4 38.73 29.47 18.32
CA ASP L 4 38.54 28.22 19.05
C ASP L 4 37.05 28.07 19.32
N VAL L 5 36.45 26.95 18.92
CA VAL L 5 35.03 26.71 19.22
C VAL L 5 34.66 26.85 20.71
N LEU L 6 35.59 26.45 21.59
CA LEU L 6 35.35 26.51 23.05
C LEU L 6 35.29 27.94 23.59
N ASP L 7 35.81 28.91 22.83
CA ASP L 7 35.60 30.31 23.19
C ASP L 7 34.22 30.84 22.82
N VAL L 8 33.50 30.06 22.02
CA VAL L 8 32.22 30.47 21.47
C VAL L 8 31.14 29.75 22.28
N ILE L 9 31.31 28.44 22.44
CA ILE L 9 30.38 27.62 23.22
C ILE L 9 31.20 26.67 24.10
N SER L 10 31.00 26.75 25.41
CA SER L 10 31.83 25.96 26.32
C SER L 10 31.47 24.48 26.24
N LEU L 11 32.42 23.63 26.59
CA LEU L 11 32.19 22.19 26.53
C LEU L 11 30.98 21.79 27.36
N SER L 12 30.79 22.49 28.47
CA SER L 12 29.69 22.19 29.36
C SER L 12 28.33 22.37 28.67
N LEU L 13 28.22 23.40 27.84
CA LEU L 13 27.02 23.61 27.01
C LEU L 13 26.83 22.59 25.91
N PHE L 14 27.91 22.18 25.23
CA PHE L 14 27.79 21.06 24.29
C PHE L 14 27.27 19.77 24.96
N LYS L 15 27.82 19.44 26.12
CA LYS L 15 27.33 18.29 26.90
C LYS L 15 25.86 18.38 27.26
N GLN L 16 25.42 19.60 27.57
CA GLN L 16 24.02 19.82 27.88
C GLN L 16 23.11 19.67 26.65
N GLN L 17 23.60 20.06 25.47
CA GLN L 17 22.89 19.88 24.22
C GLN L 17 22.48 18.44 24.02
N ILE L 18 23.43 17.53 24.30
CA ILE L 18 23.21 16.11 24.15
C ILE L 18 22.83 15.39 25.45
N GLU L 19 22.58 16.13 26.52
CA GLU L 19 22.21 15.52 27.82
C GLU L 19 23.20 14.43 28.24
N PHE L 20 24.49 14.73 28.12
CA PHE L 20 25.57 13.79 28.41
C PHE L 20 26.20 14.15 29.75
N GLU L 21 26.09 13.24 30.70
CA GLU L 21 26.51 13.52 32.08
C GLU L 21 28.01 13.38 32.31
N GLU L 22 28.56 12.24 31.89
CA GLU L 22 29.92 11.81 32.24
C GLU L 22 31.04 12.69 31.68
N ASP L 23 32.24 12.49 32.24
CA ASP L 23 33.37 13.37 32.02
C ASP L 23 34.54 12.65 31.34
N ASP L 24 34.30 11.44 30.85
CA ASP L 24 35.36 10.63 30.24
C ASP L 24 35.34 10.67 28.70
N ARG L 25 34.56 11.60 28.14
CA ARG L 25 34.52 11.78 26.70
C ARG L 25 34.79 13.20 26.22
N ASP L 26 35.50 14.00 27.03
CA ASP L 26 35.81 15.40 26.67
C ASP L 26 36.59 15.53 25.34
N GLU L 27 37.56 14.64 25.12
CA GLU L 27 38.34 14.66 23.90
C GLU L 27 37.49 14.36 22.65
N LEU L 28 36.65 13.32 22.71
CA LEU L 28 35.75 13.00 21.58
C LEU L 28 34.72 14.12 21.32
N ILE L 29 34.05 14.54 22.39
CA ILE L 29 33.07 15.65 22.35
C ILE L 29 33.73 16.91 21.80
N THR L 30 34.95 17.21 22.23
CA THR L 30 35.71 18.34 21.68
C THR L 30 35.92 18.21 20.16
N LEU L 31 36.23 17.00 19.68
CA LEU L 31 36.45 16.77 18.24
C LEU L 31 35.17 17.03 17.45
N TYR L 32 34.02 16.56 17.96
CA TYR L 32 32.72 16.81 17.33
C TYR L 32 32.41 18.30 17.31
N ALA L 33 32.67 18.97 18.44
CA ALA L 33 32.42 20.42 18.52
C ALA L 33 33.25 21.18 17.49
N GLN L 34 34.54 20.83 17.38
CA GLN L 34 35.44 21.47 16.45
C GLN L 34 35.05 21.18 15.01
N ALA L 35 34.61 19.95 14.73
CA ALA L 35 34.19 19.54 13.38
C ALA L 35 32.95 20.34 12.99
N ALA L 36 31.99 20.40 13.91
CA ALA L 36 30.77 21.16 13.74
C ALA L 36 31.01 22.66 13.48
N PHE L 37 31.91 23.27 14.26
CA PHE L 37 32.22 24.69 14.14
C PHE L 37 32.90 24.97 12.78
N ASP L 38 33.84 24.11 12.42
CA ASP L 38 34.60 24.26 11.19
C ASP L 38 33.62 24.19 10.00
N TYR L 39 32.77 23.17 10.00
CA TYR L 39 31.68 23.05 9.03
C TYR L 39 30.79 24.29 8.92
N CYS L 40 30.21 24.72 10.03
CA CYS L 40 29.33 25.90 10.04
C CYS L 40 30.06 27.19 9.61
N ARG L 42 32.79 27.43 7.64
CA ARG L 42 33.02 27.35 6.22
C ARG L 42 31.75 27.53 5.39
N TRP L 43 30.63 26.97 5.84
CA TRP L 43 29.35 27.08 5.12
C TRP L 43 28.94 28.55 5.05
N CYS L 44 28.97 29.22 6.19
CA CYS L 44 28.63 30.64 6.31
C CYS L 44 29.62 31.54 5.55
N ASP L 45 30.91 31.19 5.58
CA ASP L 45 31.97 31.90 4.87
C ASP L 45 31.93 33.41 5.13
N GLU L 46 31.86 33.79 6.41
CA GLU L 46 31.87 35.19 6.81
C GLU L 46 33.15 35.57 7.58
N PRO L 47 34.22 35.93 6.85
CA PRO L 47 35.52 36.20 7.48
C PRO L 47 35.54 37.49 8.32
N ALA L 48 34.46 38.26 8.30
CA ALA L 48 34.34 39.43 9.17
C ALA L 48 34.26 39.02 10.65
N TRP L 49 33.87 37.78 10.91
CA TRP L 49 33.89 37.29 12.28
C TRP L 49 35.32 36.95 12.68
N LYS L 50 35.93 37.81 13.50
CA LYS L 50 37.34 37.67 13.86
C LYS L 50 37.51 37.11 15.24
N VAL L 51 36.57 37.40 16.13
CA VAL L 51 36.64 36.89 17.48
C VAL L 51 35.36 36.15 17.88
N ALA L 52 35.49 35.25 18.86
CA ALA L 52 34.37 34.47 19.38
C ALA L 52 33.12 35.32 19.51
N ALA L 53 33.27 36.51 20.09
CA ALA L 53 32.16 37.38 20.39
C ALA L 53 31.40 37.84 19.17
N ASP L 54 32.06 37.84 18.00
CA ASP L 54 31.40 38.18 16.74
C ASP L 54 30.36 37.15 16.25
N ILE L 55 30.44 35.90 16.72
CA ILE L 55 29.60 34.84 16.13
C ILE L 55 28.13 35.07 16.54
N PRO L 56 27.20 35.22 15.56
CA PRO L 56 25.79 35.49 15.89
C PRO L 56 25.14 34.32 16.64
N ALA L 57 24.12 34.61 17.44
CA ALA L 57 23.41 33.63 18.23
C ALA L 57 22.79 32.52 17.38
N ALA L 58 22.25 32.87 16.20
CA ALA L 58 21.61 31.86 15.36
C ALA L 58 22.64 30.88 14.84
N VAL L 59 23.83 31.38 14.51
CA VAL L 59 24.91 30.51 14.06
C VAL L 59 25.34 29.55 15.19
N LYS L 60 25.39 30.04 16.42
CA LYS L 60 25.67 29.15 17.56
C LYS L 60 24.63 28.01 17.70
N GLY L 61 23.37 28.33 17.39
CA GLY L 61 22.29 27.35 17.39
C GLY L 61 22.58 26.27 16.35
N ALA L 62 22.95 26.69 15.15
CA ALA L 62 23.30 25.73 14.11
C ALA L 62 24.47 24.85 14.53
N VAL L 63 25.45 25.40 15.26
CA VAL L 63 26.64 24.64 15.67
C VAL L 63 26.22 23.51 16.63
N LEU L 64 25.36 23.85 17.57
CA LEU L 64 24.84 22.87 18.50
C LEU L 64 24.11 21.72 17.79
N LEU L 65 23.30 22.04 16.79
CA LEU L 65 22.55 21.01 16.04
C LEU L 65 23.49 20.07 15.28
N VAL L 66 24.51 20.65 14.65
CA VAL L 66 25.50 19.88 13.88
C VAL L 66 26.36 18.98 14.79
N PHE L 67 26.82 19.58 15.88
CA PHE L 67 27.53 18.85 16.90
C PHE L 67 26.69 17.62 17.40
N ALA L 68 25.44 17.86 17.75
CA ALA L 68 24.63 16.81 18.34
C ALA L 68 24.38 15.69 17.34
N ASP L 69 24.23 16.04 16.06
CA ASP L 69 24.08 15.05 15.01
C ASP L 69 25.31 14.12 14.95
N PHE L 71 27.39 13.45 17.48
CA PHE L 71 27.39 12.63 18.68
C PHE L 71 26.45 11.43 18.56
N GLU L 72 25.27 11.66 17.97
CA GLU L 72 24.20 10.65 17.88
C GLU L 72 24.31 9.75 16.66
N HIS L 73 24.83 10.28 15.55
CA HIS L 73 24.91 9.50 14.31
C HIS L 73 26.35 9.30 13.88
N ARG L 74 26.89 8.12 14.22
CA ARG L 74 28.34 7.84 14.19
C ARG L 74 28.91 7.25 12.87
N THR L 75 28.03 6.86 11.94
CA THR L 75 28.47 6.12 10.79
C THR L 75 28.13 6.87 9.51
N ALA L 76 29.00 6.73 8.52
CA ALA L 76 28.81 7.29 7.18
C ALA L 76 27.60 6.71 6.41
N GLN L 77 27.17 5.52 6.79
CA GLN L 77 25.93 4.95 6.25
C GLN L 77 25.12 4.38 7.42
N SER L 78 23.81 4.39 7.30
CA SER L 78 23.01 3.70 8.32
C SER L 78 21.86 2.92 7.72
N GLU L 79 21.30 2.02 8.50
CA GLU L 79 20.17 1.20 8.07
C GLU L 79 18.84 1.94 8.18
N VAL L 80 18.78 2.95 9.03
CA VAL L 80 17.60 3.83 9.11
C VAL L 80 17.88 5.17 8.40
N GLN L 81 16.97 5.57 7.53
CA GLN L 81 17.10 6.83 6.78
C GLN L 81 17.18 8.02 7.75
N LEU L 82 18.10 8.94 7.51
CA LEU L 82 18.12 10.16 8.30
C LEU L 82 17.50 11.30 7.51
N TYR L 83 16.75 12.14 8.20
CA TYR L 83 16.11 13.28 7.58
C TYR L 83 16.73 14.58 8.10
N GLU L 84 16.98 15.51 7.18
CA GLU L 84 17.51 16.83 7.53
C GLU L 84 16.52 17.63 8.37
N ASN L 85 17.00 18.11 9.51
CA ASN L 85 16.30 19.12 10.29
C ASN L 85 16.62 20.50 9.70
N ALA L 86 15.63 21.11 9.04
CA ALA L 86 15.81 22.36 8.32
C ALA L 86 16.29 23.52 9.18
N ALA L 87 16.06 23.45 10.49
CA ALA L 87 16.49 24.51 11.40
C ALA L 87 17.99 24.84 11.27
N ALA L 88 18.84 23.83 11.14
CA ALA L 88 20.29 24.06 11.05
C ALA L 88 20.67 24.97 9.89
N GLU L 89 20.25 24.59 8.68
CA GLU L 89 20.51 25.36 7.49
C GLU L 89 19.82 26.73 7.50
N ARG L 90 18.58 26.80 7.99
CA ARG L 90 17.91 28.10 8.01
C ARG L 90 18.62 29.09 8.93
N PHE L 93 21.77 30.12 6.97
CA PHE L 93 21.40 30.84 5.74
C PHE L 93 21.27 32.36 5.94
N ILE L 94 20.63 32.76 7.03
CA ILE L 94 20.41 34.18 7.32
C ILE L 94 21.70 34.98 7.66
N HIS L 95 22.81 34.27 7.92
CA HIS L 95 24.11 34.88 8.16
C HIS L 95 25.19 34.46 7.13
N ARG L 96 24.75 33.90 6.01
CA ARG L 96 25.66 33.48 4.95
C ARG L 96 26.29 34.71 4.27
N ASN L 97 27.58 34.63 3.94
CA ASN L 97 28.23 35.66 3.13
C ASN L 97 28.44 35.19 1.69
N ALA M 2 21.54 46.73 19.88
CA ALA M 2 20.95 45.36 19.86
C ALA M 2 20.09 45.13 21.09
N ILE M 3 18.97 44.46 20.88
CA ILE M 3 17.99 44.18 21.90
C ILE M 3 18.35 42.85 22.56
N ASP M 4 18.25 42.81 23.89
CA ASP M 4 18.40 41.59 24.66
C ASP M 4 17.05 40.88 24.66
N VAL M 5 17.02 39.66 24.12
CA VAL M 5 15.79 38.87 24.07
C VAL M 5 15.08 38.73 25.43
N LEU M 6 15.84 38.71 26.52
CA LEU M 6 15.25 38.57 27.87
C LEU M 6 14.51 39.82 28.35
N ASP M 7 14.70 40.94 27.64
CA ASP M 7 13.92 42.16 27.88
C ASP M 7 12.65 42.17 27.07
N VAL M 8 12.59 41.31 26.05
CA VAL M 8 11.38 41.14 25.25
C VAL M 8 10.49 40.07 25.88
N ILE M 9 11.10 38.93 26.22
CA ILE M 9 10.41 37.81 26.82
C ILE M 9 11.31 37.31 27.93
N SER M 10 10.80 37.32 29.15
CA SER M 10 11.59 36.95 30.33
C SER M 10 11.98 35.49 30.25
N LEU M 11 13.06 35.13 30.95
CA LEU M 11 13.51 33.74 30.99
C LEU M 11 12.44 32.80 31.59
N SER M 12 11.70 33.34 32.54
CA SER M 12 10.65 32.59 33.19
C SER M 12 9.54 32.22 32.19
N LEU M 13 9.24 33.10 31.24
CA LEU M 13 8.25 32.79 30.20
C LEU M 13 8.76 31.78 29.19
N PHE M 14 10.07 31.81 28.90
CA PHE M 14 10.64 30.83 27.99
C PHE M 14 10.50 29.44 28.60
N LYS M 15 10.77 29.34 29.89
CA LYS M 15 10.65 28.07 30.60
C LYS M 15 9.24 27.53 30.62
N GLN M 16 8.24 28.38 30.86
CA GLN M 16 6.82 27.97 30.76
C GLN M 16 6.41 27.50 29.35
N GLN M 17 6.98 28.12 28.31
CA GLN M 17 6.69 27.72 26.93
C GLN M 17 6.97 26.23 26.76
N ILE M 18 8.11 25.78 27.31
CA ILE M 18 8.54 24.40 27.17
C ILE M 18 8.23 23.57 28.41
N GLU M 19 7.44 24.15 29.32
CA GLU M 19 7.03 23.43 30.53
C GLU M 19 8.25 22.84 31.26
N PHE M 20 9.33 23.63 31.30
CA PHE M 20 10.59 23.24 31.91
C PHE M 20 10.71 23.85 33.30
N GLU M 21 10.60 23.00 34.31
CA GLU M 21 10.51 23.47 35.68
C GLU M 21 11.85 23.89 36.32
N GLU M 22 12.92 23.17 36.00
CA GLU M 22 14.19 23.31 36.74
C GLU M 22 15.03 24.53 36.34
N ASP M 23 16.06 24.79 37.14
CA ASP M 23 16.83 26.02 37.06
C ASP M 23 18.28 25.78 36.62
N ASP M 24 18.64 24.51 36.41
CA ASP M 24 20.02 24.14 36.10
C ASP M 24 20.39 24.18 34.61
N ARG M 25 19.50 24.71 33.79
CA ARG M 25 19.74 24.79 32.34
C ARG M 25 19.55 26.19 31.82
N ASP M 26 19.70 27.17 32.70
CA ASP M 26 19.42 28.56 32.35
C ASP M 26 20.34 29.09 31.22
N GLU M 27 21.60 28.69 31.23
CA GLU M 27 22.55 29.10 30.19
C GLU M 27 22.21 28.53 28.81
N LEU M 28 21.99 27.22 28.74
CA LEU M 28 21.53 26.59 27.48
C LEU M 28 20.21 27.22 26.97
N ILE M 29 19.20 27.32 27.84
CA ILE M 29 17.92 27.94 27.50
C ILE M 29 18.08 29.37 27.00
N THR M 30 18.93 30.17 27.66
CA THR M 30 19.20 31.53 27.21
C THR M 30 19.81 31.55 25.81
N LEU M 31 20.72 30.62 25.55
CA LEU M 31 21.32 30.45 24.25
C LEU M 31 20.26 30.12 23.17
N TYR M 32 19.35 29.18 23.43
CA TYR M 32 18.25 28.92 22.48
C TYR M 32 17.38 30.17 22.23
N ALA M 33 17.07 30.88 23.31
CA ALA M 33 16.26 32.11 23.25
C ALA M 33 16.95 33.18 22.39
N GLN M 34 18.24 33.40 22.64
CA GLN M 34 19.06 34.30 21.84
C GLN M 34 19.13 33.92 20.35
N ALA M 35 19.31 32.63 20.08
CA ALA M 35 19.31 32.12 18.69
C ALA M 35 17.96 32.34 18.01
N ALA M 36 16.87 32.01 18.70
CA ALA M 36 15.53 32.19 18.13
C ALA M 36 15.23 33.68 17.83
N PHE M 37 15.56 34.55 18.78
CA PHE M 37 15.40 35.98 18.60
C PHE M 37 16.25 36.53 17.43
N ASP M 38 17.53 36.16 17.39
CA ASP M 38 18.42 36.49 16.26
C ASP M 38 17.82 36.04 14.94
N TYR M 39 17.40 34.77 14.88
CA TYR M 39 16.73 34.26 13.69
C TYR M 39 15.54 35.11 13.23
N CYS M 40 14.59 35.33 14.14
CA CYS M 40 13.35 36.04 13.82
C CYS M 40 13.60 37.50 13.45
N ARG M 42 16.46 38.78 12.03
CA ARG M 42 17.08 38.87 10.72
C ARG M 42 16.08 38.60 9.60
N TRP M 43 15.21 37.63 9.83
CA TRP M 43 14.16 37.29 8.89
C TRP M 43 13.16 38.43 8.69
N CYS M 44 12.76 39.11 9.77
CA CYS M 44 11.85 40.24 9.67
C CYS M 44 12.58 41.46 9.10
N ASP M 45 13.85 41.59 9.47
CA ASP M 45 14.71 42.71 9.07
C ASP M 45 13.95 44.05 9.14
N GLU M 46 13.60 44.45 10.36
CA GLU M 46 12.87 45.68 10.60
C GLU M 46 13.73 46.69 11.38
N PRO M 47 14.33 47.68 10.68
CA PRO M 47 15.24 48.62 11.34
C PRO M 47 14.55 49.48 12.40
N ALA M 48 13.24 49.70 12.24
CA ALA M 48 12.48 50.56 13.15
C ALA M 48 12.35 50.01 14.58
N TRP M 49 12.67 48.74 14.76
CA TRP M 49 12.62 48.14 16.09
C TRP M 49 13.94 48.34 16.82
N LYS M 50 13.99 49.36 17.68
CA LYS M 50 15.24 49.74 18.34
C LYS M 50 15.33 49.29 19.80
N VAL M 51 14.17 49.18 20.42
CA VAL M 51 14.03 48.86 21.84
C VAL M 51 13.11 47.65 22.00
N ALA M 52 13.32 46.91 23.08
CA ALA M 52 12.50 45.74 23.43
C ALA M 52 11.00 45.97 23.25
N ALA M 53 10.53 47.14 23.68
CA ALA M 53 9.11 47.49 23.65
C ALA M 53 8.54 47.63 22.23
N ASP M 54 9.41 47.81 21.23
CA ASP M 54 9.01 47.88 19.84
C ASP M 54 8.60 46.52 19.23
N ILE M 55 9.01 45.40 19.81
CA ILE M 55 8.73 44.08 19.21
C ILE M 55 7.24 43.71 19.28
N PRO M 56 6.59 43.51 18.10
CA PRO M 56 5.14 43.24 18.07
C PRO M 56 4.84 41.88 18.68
N ALA M 57 3.61 41.70 19.16
CA ALA M 57 3.22 40.50 19.89
C ALA M 57 3.30 39.25 19.03
N ALA M 58 3.00 39.39 17.73
CA ALA M 58 3.03 38.24 16.80
C ALA M 58 4.45 37.77 16.53
N VAL M 59 5.39 38.72 16.49
CA VAL M 59 6.79 38.36 16.40
C VAL M 59 7.25 37.61 17.67
N LYS M 60 6.78 38.03 18.85
CA LYS M 60 7.10 37.31 20.09
C LYS M 60 6.60 35.86 20.06
N GLY M 61 5.46 35.65 19.40
CA GLY M 61 4.87 34.34 19.28
C GLY M 61 5.77 33.43 18.49
N ALA M 62 6.31 33.98 17.39
CA ALA M 62 7.21 33.26 16.51
C ALA M 62 8.47 32.90 17.25
N VAL M 63 9.00 33.86 18.03
CA VAL M 63 10.23 33.64 18.79
C VAL M 63 10.07 32.45 19.73
N LEU M 64 8.91 32.38 20.39
CA LEU M 64 8.61 31.30 21.32
C LEU M 64 8.57 29.95 20.61
N LEU M 65 8.01 29.92 19.39
CA LEU M 65 7.91 28.70 18.58
C LEU M 65 9.30 28.16 18.14
N VAL M 66 10.12 29.07 17.63
CA VAL M 66 11.47 28.73 17.15
C VAL M 66 12.30 28.27 18.35
N PHE M 67 12.18 28.98 19.46
CA PHE M 67 12.89 28.62 20.68
C PHE M 67 12.52 27.20 21.17
N ALA M 68 11.22 26.95 21.31
CA ALA M 68 10.76 25.66 21.74
C ALA M 68 11.25 24.55 20.80
N ASP M 69 11.35 24.85 19.49
CA ASP M 69 11.84 23.84 18.53
C ASP M 69 13.29 23.48 18.80
N PHE M 71 14.80 23.68 21.79
CA PHE M 71 14.83 22.91 23.02
C PHE M 71 14.43 21.46 22.83
N GLU M 72 13.41 21.22 21.99
CA GLU M 72 12.91 19.88 21.74
C GLU M 72 13.70 19.10 20.71
N HIS M 73 14.25 19.79 19.70
CA HIS M 73 14.84 19.08 18.56
C HIS M 73 16.32 19.45 18.42
N ARG M 74 17.18 18.53 18.84
CA ARG M 74 18.55 18.84 19.20
C ARG M 74 19.57 18.56 18.08
N THR M 75 19.15 17.85 17.01
CA THR M 75 20.11 17.34 16.03
C THR M 75 19.83 17.88 14.63
N ALA M 76 20.90 18.15 13.87
CA ALA M 76 20.76 18.59 12.48
C ALA M 76 20.10 17.55 11.57
N GLN M 77 20.13 16.28 11.97
CA GLN M 77 19.40 15.20 11.29
C GLN M 77 18.70 14.34 12.33
N SER M 78 17.55 13.77 11.95
CA SER M 78 16.90 12.77 12.78
C SER M 78 16.34 11.60 11.99
N GLU M 79 16.02 10.54 12.71
CA GLU M 79 15.40 9.36 12.11
C GLU M 79 13.89 9.57 11.88
N VAL M 80 13.27 10.49 12.60
CA VAL M 80 11.88 10.84 12.29
C VAL M 80 11.77 12.21 11.58
N GLN M 81 11.00 12.25 10.50
CA GLN M 81 10.79 13.49 9.76
C GLN M 81 10.14 14.53 10.68
N LEU M 82 10.65 15.75 10.61
CA LEU M 82 10.00 16.85 11.26
C LEU M 82 9.23 17.60 10.18
N TYR M 83 8.05 18.10 10.55
CA TYR M 83 7.21 18.89 9.68
C TYR M 83 7.14 20.31 10.19
N GLU M 84 7.23 21.27 9.27
CA GLU M 84 7.14 22.68 9.61
C GLU M 84 5.74 23.04 10.12
N ASN M 85 5.70 23.68 11.28
CA ASN M 85 4.48 24.26 11.81
C ASN M 85 4.34 25.67 11.20
N ALA M 86 3.36 25.84 10.32
CA ALA M 86 3.16 27.07 9.56
C ALA M 86 2.97 28.33 10.39
N ALA M 87 2.63 28.19 11.66
CA ALA M 87 2.34 29.37 12.47
C ALA M 87 3.57 30.26 12.66
N ALA M 88 4.76 29.67 12.66
CA ALA M 88 5.98 30.48 12.89
C ALA M 88 6.17 31.48 11.76
N GLU M 89 6.19 30.97 10.52
CA GLU M 89 6.37 31.81 9.34
C GLU M 89 5.23 32.83 9.14
N ARG M 90 3.99 32.42 9.42
CA ARG M 90 2.83 33.28 9.22
C ARG M 90 2.87 34.46 10.19
N PHE M 93 5.68 36.71 8.88
CA PHE M 93 5.32 37.25 7.58
C PHE M 93 4.61 38.61 7.68
N ILE M 94 3.66 38.73 8.60
CA ILE M 94 2.89 39.97 8.76
C ILE M 94 3.71 41.17 9.29
N HIS M 95 4.97 40.91 9.65
CA HIS M 95 5.85 41.97 10.13
C HIS M 95 7.20 42.03 9.41
N ARG M 96 7.25 41.46 8.21
CA ARG M 96 8.47 41.53 7.42
C ARG M 96 8.59 42.89 6.72
N ASN M 97 9.80 43.46 6.80
CA ASN M 97 10.13 44.73 6.20
C ASN M 97 10.54 44.55 4.73
#